data_2CD6
# 
_entry.id   2CD6 
# 
_audit_conform.dict_name       mmcif_pdbx.dic 
_audit_conform.dict_version    5.392 
_audit_conform.dict_location   http://mmcif.pdb.org/dictionaries/ascii/mmcif_pdbx.dic 
# 
loop_
_database_2.database_id 
_database_2.database_code 
_database_2.pdbx_database_accession 
_database_2.pdbx_DOI 
PDB   2CD6         pdb_00002cd6 10.2210/pdb2cd6/pdb 
PDBE  EBI-27330    ?            ?                   
WWPDB D_1290027330 ?            ?                   
# 
loop_
_pdbx_audit_revision_history.ordinal 
_pdbx_audit_revision_history.data_content_type 
_pdbx_audit_revision_history.major_revision 
_pdbx_audit_revision_history.minor_revision 
_pdbx_audit_revision_history.revision_date 
1 'Structure model' 1 0 2007-05-01 
2 'Structure model' 1 1 2016-01-27 
3 'Structure model' 1 2 2024-05-15 
# 
_pdbx_audit_revision_details.ordinal             1 
_pdbx_audit_revision_details.revision_ordinal    1 
_pdbx_audit_revision_details.data_content_type   'Structure model' 
_pdbx_audit_revision_details.provider            repository 
_pdbx_audit_revision_details.type                'Initial release' 
_pdbx_audit_revision_details.description         ? 
_pdbx_audit_revision_details.details             ? 
# 
loop_
_pdbx_audit_revision_group.ordinal 
_pdbx_audit_revision_group.revision_ordinal 
_pdbx_audit_revision_group.data_content_type 
_pdbx_audit_revision_group.group 
1 2 'Structure model' 'Derived calculations'      
2 2 'Structure model' Other                       
3 2 'Structure model' 'Version format compliance' 
4 3 'Structure model' 'Data collection'           
5 3 'Structure model' 'Database references'       
# 
loop_
_pdbx_audit_revision_category.ordinal 
_pdbx_audit_revision_category.revision_ordinal 
_pdbx_audit_revision_category.data_content_type 
_pdbx_audit_revision_category.category 
1 3 'Structure model' chem_comp_atom    
2 3 'Structure model' chem_comp_bond    
3 3 'Structure model' database_2        
4 3 'Structure model' pdbx_nmr_software 
# 
loop_
_pdbx_audit_revision_item.ordinal 
_pdbx_audit_revision_item.revision_ordinal 
_pdbx_audit_revision_item.data_content_type 
_pdbx_audit_revision_item.item 
1 3 'Structure model' '_database_2.pdbx_DOI'                
2 3 'Structure model' '_database_2.pdbx_database_accession' 
3 3 'Structure model' '_pdbx_nmr_software.name'             
# 
_pdbx_database_status.status_code                     REL 
_pdbx_database_status.entry_id                        2CD6 
_pdbx_database_status.deposit_site                    PDBE 
_pdbx_database_status.process_site                    PDBE 
_pdbx_database_status.SG_entry                        . 
_pdbx_database_status.recvd_initial_deposition_date   2006-01-19 
_pdbx_database_status.pdb_format_compatible           Y 
_pdbx_database_status.status_code_sf                  ? 
_pdbx_database_status.status_code_mr                  ? 
_pdbx_database_status.status_code_cs                  ? 
_pdbx_database_status.methods_development_category    ? 
_pdbx_database_status.status_code_nmr_data            ? 
# 
loop_
_pdbx_database_related.db_name 
_pdbx_database_related.db_id 
_pdbx_database_related.content_type 
_pdbx_database_related.details 
PDB 2CD1 unspecified 'REFINEMENT OF P4 STEMLOOP STRUCTURE USING RESIDUAL DIPOLAR COUPLING DATA' 
PDB 2CD3 unspecified 'REFINEMENT OF RNASE P P4 STEMLOOP STRUCTURE USING RESIDUAL DIPOLAR COUPLING DATA - C70U MUTANT' 
PDB 2CD5 unspecified 
'REFINEMENT OF RNASE P P4 STEMLOOP STRUCTURE USING RESIDUAL DIPOLAR COUPLINGS - COBALT( III) HEXAMMINE COMPLEX STRUCTURE' 
# 
_audit_author.name           'Schmitz, M.' 
_audit_author.pdbx_ordinal   1 
# 
_citation.id                        1 
_citation.title                     'Solution Structure and Metal-Ion Binding of the P4 Element from Bacterial Rnase P RNA' 
_citation.journal_abbrev            RNA 
_citation.journal_volume            6 
_citation.page_first                1212 
_citation.page_last                 ? 
_citation.year                      2000 
_citation.journal_id_ASTM           RNARFU 
_citation.country                   UK 
_citation.journal_id_ISSN           1355-8382 
_citation.journal_id_CSD            2122 
_citation.book_publisher            ? 
_citation.pdbx_database_id_PubMed   10999599 
_citation.pdbx_database_id_DOI      10.1017/S1355838200000881 
# 
loop_
_citation_author.citation_id 
_citation_author.name 
_citation_author.ordinal 
_citation_author.identifier_ORCID 
1 'Schmitz, M.'       1 ? 
1 'Tinoco Junior, I.' 2 ? 
# 
loop_
_entity.id 
_entity.type 
_entity.src_method 
_entity.pdbx_description 
_entity.formula_weight 
_entity.pdbx_number_of_molecules 
_entity.pdbx_ec 
_entity.pdbx_mutation 
_entity.pdbx_fragment 
_entity.details 
1 polymer     syn 
;5'-R(*GP*GP*AP*AP*GP*UP*UP*CP*CP*GP *UP*CP*UP*UP*CP*GP*GP*AP*CP*CP*GP*GP*CP*UP*UP*CP*C)-3'
;
8634.127 1 ? ? ? 'MUTATION CYTOSINE 70 URACIL' 
2 non-polymer syn 'COBALT HEXAMMINE(III)'                                                                      161.116  1 ? ? ? ? 
# 
_entity_name_com.entity_id   1 
_entity_name_com.name        'RNASE P RIBOZYME, P4 DOMAIN MUTANT' 
# 
_entity_poly.entity_id                      1 
_entity_poly.type                           polyribonucleotide 
_entity_poly.nstd_linkage                   no 
_entity_poly.nstd_monomer                   no 
_entity_poly.pdbx_seq_one_letter_code       GGAAGUUCGGUCUUCGGACCGGCUUCC 
_entity_poly.pdbx_seq_one_letter_code_can   GGAAGUUCGGUCUUCGGACCGGCUUCC 
_entity_poly.pdbx_strand_id                 A 
_entity_poly.pdbx_target_identifier         ? 
# 
_pdbx_entity_nonpoly.entity_id   2 
_pdbx_entity_nonpoly.name        'COBALT HEXAMMINE(III)' 
_pdbx_entity_nonpoly.comp_id     NCO 
# 
loop_
_entity_poly_seq.entity_id 
_entity_poly_seq.num 
_entity_poly_seq.mon_id 
_entity_poly_seq.hetero 
1 1  G n 
1 2  G n 
1 3  A n 
1 4  A n 
1 5  G n 
1 6  U n 
1 7  U n 
1 8  C n 
1 9  G n 
1 10 G n 
1 11 U n 
1 12 C n 
1 13 U n 
1 14 U n 
1 15 C n 
1 16 G n 
1 17 G n 
1 18 A n 
1 19 C n 
1 20 C n 
1 21 G n 
1 22 G n 
1 23 C n 
1 24 U n 
1 25 U n 
1 26 C n 
1 27 C n 
# 
_pdbx_entity_src_syn.entity_id              1 
_pdbx_entity_src_syn.pdbx_src_id            1 
_pdbx_entity_src_syn.pdbx_alt_source_flag   sample 
_pdbx_entity_src_syn.pdbx_beg_seq_num       ? 
_pdbx_entity_src_syn.pdbx_end_seq_num       ? 
_pdbx_entity_src_syn.organism_scientific    'ESCHERICHIA COLI' 
_pdbx_entity_src_syn.organism_common_name   ? 
_pdbx_entity_src_syn.ncbi_taxonomy_id       562 
_pdbx_entity_src_syn.details                ? 
# 
loop_
_chem_comp.id 
_chem_comp.type 
_chem_comp.mon_nstd_flag 
_chem_comp.name 
_chem_comp.pdbx_synonyms 
_chem_comp.formula 
_chem_comp.formula_weight 
A   'RNA linking' y "ADENOSINE-5'-MONOPHOSPHATE" ? 'C10 H14 N5 O7 P' 347.221 
C   'RNA linking' y "CYTIDINE-5'-MONOPHOSPHATE"  ? 'C9 H14 N3 O8 P'  323.197 
G   'RNA linking' y "GUANOSINE-5'-MONOPHOSPHATE" ? 'C10 H14 N5 O8 P' 363.221 
NCO non-polymer   . 'COBALT HEXAMMINE(III)'      ? 'Co H18 N6 3'     161.116 
U   'RNA linking' y "URIDINE-5'-MONOPHOSPHATE"   ? 'C9 H13 N2 O9 P'  324.181 
# 
loop_
_pdbx_poly_seq_scheme.asym_id 
_pdbx_poly_seq_scheme.entity_id 
_pdbx_poly_seq_scheme.seq_id 
_pdbx_poly_seq_scheme.mon_id 
_pdbx_poly_seq_scheme.ndb_seq_num 
_pdbx_poly_seq_scheme.pdb_seq_num 
_pdbx_poly_seq_scheme.auth_seq_num 
_pdbx_poly_seq_scheme.pdb_mon_id 
_pdbx_poly_seq_scheme.auth_mon_id 
_pdbx_poly_seq_scheme.pdb_strand_id 
_pdbx_poly_seq_scheme.pdb_ins_code 
_pdbx_poly_seq_scheme.hetero 
A 1 1  G 1  1  1  G G A . n 
A 1 2  G 2  2  2  G G A . n 
A 1 3  A 3  3  3  A A A . n 
A 1 4  A 4  4  4  A A A . n 
A 1 5  G 5  5  5  G G A . n 
A 1 6  U 6  6  6  U U A . n 
A 1 7  U 7  7  7  U U A . n 
A 1 8  C 8  8  8  C C A . n 
A 1 9  G 9  9  9  G G A . n 
A 1 10 G 10 10 10 G G A . n 
A 1 11 U 11 11 11 U U A . n 
A 1 12 C 12 12 12 C C A . n 
A 1 13 U 13 13 13 U U A . n 
A 1 14 U 14 14 14 U U A . n 
A 1 15 C 15 15 15 C C A . n 
A 1 16 G 16 16 16 G G A . n 
A 1 17 G 17 17 17 G G A . n 
A 1 18 A 18 18 18 A A A . n 
A 1 19 C 19 19 19 C C A . n 
A 1 20 C 20 20 20 C C A . n 
A 1 21 G 21 21 21 G G A . n 
A 1 22 G 22 22 22 G G A . n 
A 1 23 C 23 23 23 C C A . n 
A 1 24 U 24 24 24 U U A . n 
A 1 25 U 25 25 25 U U A . n 
A 1 26 C 26 26 26 C C A . n 
A 1 27 C 27 27 27 C C A . n 
# 
_pdbx_nonpoly_scheme.asym_id         B 
_pdbx_nonpoly_scheme.entity_id       2 
_pdbx_nonpoly_scheme.mon_id          NCO 
_pdbx_nonpoly_scheme.ndb_seq_num     1 
_pdbx_nonpoly_scheme.pdb_seq_num     1028 
_pdbx_nonpoly_scheme.auth_seq_num    1028 
_pdbx_nonpoly_scheme.pdb_mon_id      NCO 
_pdbx_nonpoly_scheme.auth_mon_id     NCO 
_pdbx_nonpoly_scheme.pdb_strand_id   A 
_pdbx_nonpoly_scheme.pdb_ins_code    . 
# 
_cell.entry_id           2CD6 
_cell.length_a           1.000 
_cell.length_b           1.000 
_cell.length_c           1.000 
_cell.angle_alpha        90.00 
_cell.angle_beta         90.00 
_cell.angle_gamma        90.00 
_cell.Z_PDB              1 
_cell.pdbx_unique_axis   ? 
# 
_symmetry.entry_id                         2CD6 
_symmetry.space_group_name_H-M             'P 1' 
_symmetry.pdbx_full_space_group_name_H-M   ? 
_symmetry.cell_setting                     ? 
_symmetry.Int_Tables_number                1 
# 
_exptl.entry_id          2CD6 
_exptl.method            'SOLUTION NMR' 
_exptl.crystals_number   ? 
# 
_struct.entry_id                  2CD6 
_struct.title                     
'Refinement of RNase P P4 stemloop structure using residual dipolar coupling data, C70U mutant cobalt(III) hexammine complex' 
_struct.pdbx_model_details        ? 
_struct.pdbx_CASP_flag            ? 
_struct.pdbx_model_type_details   'MINIMIZED AVERAGE' 
# 
_struct_keywords.entry_id        2CD6 
_struct_keywords.pdbx_keywords   'NUCLEIC ACID' 
_struct_keywords.text            
;C70U MUTANT, COBALT (III HEXAMMINE COMPLEX, METAL BINDING SITE, METAL COMPLEX, P4 STEM, RIBONUCLEASE P, RIBONUCLEIC ACID, RIBOZYME, TRANSFER RNA PROCESSING, NUCLEIC ACID
;
# 
loop_
_struct_asym.id 
_struct_asym.pdbx_blank_PDB_chainid_flag 
_struct_asym.pdbx_modified 
_struct_asym.entity_id 
_struct_asym.details 
A N N 1 ? 
B N N 2 ? 
# 
_struct_ref.id                         1 
_struct_ref.db_name                    PDB 
_struct_ref.db_code                    2CD6 
_struct_ref.entity_id                  1 
_struct_ref.pdbx_seq_one_letter_code   ? 
_struct_ref.pdbx_align_begin           ? 
_struct_ref.pdbx_db_accession          2CD6 
_struct_ref.pdbx_db_isoform            ? 
# 
_struct_ref_seq.align_id                      1 
_struct_ref_seq.ref_id                        1 
_struct_ref_seq.pdbx_PDB_id_code              2CD6 
_struct_ref_seq.pdbx_strand_id                A 
_struct_ref_seq.seq_align_beg                 1 
_struct_ref_seq.pdbx_seq_align_beg_ins_code   ? 
_struct_ref_seq.seq_align_end                 27 
_struct_ref_seq.pdbx_seq_align_end_ins_code   ? 
_struct_ref_seq.pdbx_db_accession             2CD6 
_struct_ref_seq.db_align_beg                  1 
_struct_ref_seq.pdbx_db_align_beg_ins_code    ? 
_struct_ref_seq.db_align_end                  27 
_struct_ref_seq.pdbx_db_align_end_ins_code    ? 
_struct_ref_seq.pdbx_auth_seq_align_beg       1 
_struct_ref_seq.pdbx_auth_seq_align_end       27 
# 
_pdbx_struct_assembly.id                   1 
_pdbx_struct_assembly.details              author_defined_assembly 
_pdbx_struct_assembly.method_details       ? 
_pdbx_struct_assembly.oligomeric_details   monomeric 
_pdbx_struct_assembly.oligomeric_count     1 
# 
_pdbx_struct_assembly_gen.assembly_id       1 
_pdbx_struct_assembly_gen.oper_expression   1 
_pdbx_struct_assembly_gen.asym_id_list      A,B 
# 
_pdbx_struct_oper_list.id                   1 
_pdbx_struct_oper_list.type                 'identity operation' 
_pdbx_struct_oper_list.name                 1_555 
_pdbx_struct_oper_list.symmetry_operation   x,y,z 
_pdbx_struct_oper_list.matrix[1][1]         1.0000000000 
_pdbx_struct_oper_list.matrix[1][2]         0.0000000000 
_pdbx_struct_oper_list.matrix[1][3]         0.0000000000 
_pdbx_struct_oper_list.vector[1]            0.0000000000 
_pdbx_struct_oper_list.matrix[2][1]         0.0000000000 
_pdbx_struct_oper_list.matrix[2][2]         1.0000000000 
_pdbx_struct_oper_list.matrix[2][3]         0.0000000000 
_pdbx_struct_oper_list.vector[2]            0.0000000000 
_pdbx_struct_oper_list.matrix[3][1]         0.0000000000 
_pdbx_struct_oper_list.matrix[3][2]         0.0000000000 
_pdbx_struct_oper_list.matrix[3][3]         1.0000000000 
_pdbx_struct_oper_list.vector[3]            0.0000000000 
# 
_struct_biol.id   1 
# 
loop_
_struct_conn.id 
_struct_conn.conn_type_id 
_struct_conn.pdbx_leaving_atom_flag 
_struct_conn.pdbx_PDB_id 
_struct_conn.ptnr1_label_asym_id 
_struct_conn.ptnr1_label_comp_id 
_struct_conn.ptnr1_label_seq_id 
_struct_conn.ptnr1_label_atom_id 
_struct_conn.pdbx_ptnr1_label_alt_id 
_struct_conn.pdbx_ptnr1_PDB_ins_code 
_struct_conn.pdbx_ptnr1_standard_comp_id 
_struct_conn.ptnr1_symmetry 
_struct_conn.ptnr2_label_asym_id 
_struct_conn.ptnr2_label_comp_id 
_struct_conn.ptnr2_label_seq_id 
_struct_conn.ptnr2_label_atom_id 
_struct_conn.pdbx_ptnr2_label_alt_id 
_struct_conn.pdbx_ptnr2_PDB_ins_code 
_struct_conn.ptnr1_auth_asym_id 
_struct_conn.ptnr1_auth_comp_id 
_struct_conn.ptnr1_auth_seq_id 
_struct_conn.ptnr2_auth_asym_id 
_struct_conn.ptnr2_auth_comp_id 
_struct_conn.ptnr2_auth_seq_id 
_struct_conn.ptnr2_symmetry 
_struct_conn.pdbx_ptnr3_label_atom_id 
_struct_conn.pdbx_ptnr3_label_seq_id 
_struct_conn.pdbx_ptnr3_label_comp_id 
_struct_conn.pdbx_ptnr3_label_asym_id 
_struct_conn.pdbx_ptnr3_label_alt_id 
_struct_conn.pdbx_ptnr3_PDB_ins_code 
_struct_conn.details 
_struct_conn.pdbx_dist_value 
_struct_conn.pdbx_value_order 
_struct_conn.pdbx_role 
hydrog1  hydrog ? ? A G 1  N1 ? ? ? 1_555 A C 27 N3 ? ? A G 1  A C 27 1_555 ? ? ? ? ? ? WATSON-CRICK  ? ? ? 
hydrog2  hydrog ? ? A G 1  N2 ? ? ? 1_555 A C 27 O2 ? ? A G 1  A C 27 1_555 ? ? ? ? ? ? WATSON-CRICK  ? ? ? 
hydrog3  hydrog ? ? A G 1  O6 ? ? ? 1_555 A C 27 N4 ? ? A G 1  A C 27 1_555 ? ? ? ? ? ? WATSON-CRICK  ? ? ? 
hydrog4  hydrog ? ? A G 2  N1 ? ? ? 1_555 A C 26 N3 ? ? A G 2  A C 26 1_555 ? ? ? ? ? ? WATSON-CRICK  ? ? ? 
hydrog5  hydrog ? ? A G 2  N2 ? ? ? 1_555 A C 26 O2 ? ? A G 2  A C 26 1_555 ? ? ? ? ? ? WATSON-CRICK  ? ? ? 
hydrog6  hydrog ? ? A G 2  O6 ? ? ? 1_555 A C 26 N4 ? ? A G 2  A C 26 1_555 ? ? ? ? ? ? WATSON-CRICK  ? ? ? 
hydrog7  hydrog ? ? A A 3  N1 ? ? ? 1_555 A U 25 N3 ? ? A A 3  A U 25 1_555 ? ? ? ? ? ? WATSON-CRICK  ? ? ? 
hydrog8  hydrog ? ? A A 3  N6 ? ? ? 1_555 A U 25 O4 ? ? A A 3  A U 25 1_555 ? ? ? ? ? ? WATSON-CRICK  ? ? ? 
hydrog9  hydrog ? ? A A 4  N1 ? ? ? 1_555 A U 24 N3 ? ? A A 4  A U 24 1_555 ? ? ? ? ? ? WATSON-CRICK  ? ? ? 
hydrog10 hydrog ? ? A A 4  N6 ? ? ? 1_555 A U 24 O4 ? ? A A 4  A U 24 1_555 ? ? ? ? ? ? WATSON-CRICK  ? ? ? 
hydrog11 hydrog ? ? A G 5  N1 ? ? ? 1_555 A C 23 N3 ? ? A G 5  A C 23 1_555 ? ? ? ? ? ? WATSON-CRICK  ? ? ? 
hydrog12 hydrog ? ? A G 5  N2 ? ? ? 1_555 A C 23 O2 ? ? A G 5  A C 23 1_555 ? ? ? ? ? ? WATSON-CRICK  ? ? ? 
hydrog13 hydrog ? ? A G 5  O6 ? ? ? 1_555 A C 23 N4 ? ? A G 5  A C 23 1_555 ? ? ? ? ? ? WATSON-CRICK  ? ? ? 
hydrog14 hydrog ? ? A U 6  N3 ? ? ? 1_555 A G 22 O6 ? ? A U 6  A G 22 1_555 ? ? ? ? ? ? TYPE_28_PAIR  ? ? ? 
hydrog15 hydrog ? ? A U 6  O2 ? ? ? 1_555 A G 22 N1 ? ? A U 6  A G 22 1_555 ? ? ? ? ? ? TYPE_28_PAIR  ? ? ? 
hydrog16 hydrog ? ? A C 8  N3 ? ? ? 1_555 A G 21 N1 ? ? A C 8  A G 21 1_555 ? ? ? ? ? ? WATSON-CRICK  ? ? ? 
hydrog17 hydrog ? ? A C 8  N4 ? ? ? 1_555 A G 21 O6 ? ? A C 8  A G 21 1_555 ? ? ? ? ? ? WATSON-CRICK  ? ? ? 
hydrog18 hydrog ? ? A C 8  O2 ? ? ? 1_555 A G 21 N2 ? ? A C 8  A G 21 1_555 ? ? ? ? ? ? WATSON-CRICK  ? ? ? 
hydrog19 hydrog ? ? A G 9  N1 ? ? ? 1_555 A C 20 N3 ? ? A G 9  A C 20 1_555 ? ? ? ? ? ? WATSON-CRICK  ? ? ? 
hydrog20 hydrog ? ? A G 9  N2 ? ? ? 1_555 A C 20 O2 ? ? A G 9  A C 20 1_555 ? ? ? ? ? ? WATSON-CRICK  ? ? ? 
hydrog21 hydrog ? ? A G 9  O6 ? ? ? 1_555 A C 20 N4 ? ? A G 9  A C 20 1_555 ? ? ? ? ? ? WATSON-CRICK  ? ? ? 
hydrog22 hydrog ? ? A G 10 N1 ? ? ? 1_555 A C 19 N3 ? ? A G 10 A C 19 1_555 ? ? ? ? ? ? WATSON-CRICK  ? ? ? 
hydrog23 hydrog ? ? A G 10 N2 ? ? ? 1_555 A C 19 O2 ? ? A G 10 A C 19 1_555 ? ? ? ? ? ? WATSON-CRICK  ? ? ? 
hydrog24 hydrog ? ? A G 10 O6 ? ? ? 1_555 A C 19 N4 ? ? A G 10 A C 19 1_555 ? ? ? ? ? ? WATSON-CRICK  ? ? ? 
hydrog25 hydrog ? ? A U 11 N3 ? ? ? 1_555 A A 18 N1 ? ? A U 11 A A 18 1_555 ? ? ? ? ? ? WATSON-CRICK  ? ? ? 
hydrog26 hydrog ? ? A U 11 O4 ? ? ? 1_555 A A 18 N6 ? ? A U 11 A A 18 1_555 ? ? ? ? ? ? WATSON-CRICK  ? ? ? 
hydrog27 hydrog ? ? A C 12 N3 ? ? ? 1_555 A G 17 N1 ? ? A C 12 A G 17 1_555 ? ? ? ? ? ? WATSON-CRICK  ? ? ? 
hydrog28 hydrog ? ? A C 12 N4 ? ? ? 1_555 A G 17 O6 ? ? A C 12 A G 17 1_555 ? ? ? ? ? ? WATSON-CRICK  ? ? ? 
hydrog29 hydrog ? ? A C 12 O2 ? ? ? 1_555 A G 17 N2 ? ? A C 12 A G 17 1_555 ? ? ? ? ? ? WATSON-CRICK  ? ? ? 
hydrog30 hydrog ? ? A U 13 O2 ? ? ? 1_555 A G 16 N1 ? ? A U 13 A G 16 1_555 ? ? ? ? ? ? 'U-G MISPAIR' ? ? ? 
# 
_struct_conn_type.id          hydrog 
_struct_conn_type.criteria    ? 
_struct_conn_type.reference   ? 
# 
_struct_site.id                   AC1 
_struct_site.pdbx_evidence_code   Software 
_struct_site.pdbx_auth_asym_id    ? 
_struct_site.pdbx_auth_comp_id    ? 
_struct_site.pdbx_auth_seq_id     ? 
_struct_site.pdbx_auth_ins_code   ? 
_struct_site.pdbx_num_residues    5 
_struct_site.details              'BINDING SITE FOR RESIDUE NCO A1028' 
# 
loop_
_struct_site_gen.id 
_struct_site_gen.site_id 
_struct_site_gen.pdbx_num_res 
_struct_site_gen.label_comp_id 
_struct_site_gen.label_asym_id 
_struct_site_gen.label_seq_id 
_struct_site_gen.pdbx_auth_ins_code 
_struct_site_gen.auth_comp_id 
_struct_site_gen.auth_asym_id 
_struct_site_gen.auth_seq_id 
_struct_site_gen.label_atom_id 
_struct_site_gen.label_alt_id 
_struct_site_gen.symmetry 
_struct_site_gen.details 
1 AC1 5 G A 5  ? G A 5  . ? 1_555 ? 
2 AC1 5 U A 6  ? U A 6  . ? 1_555 ? 
3 AC1 5 C A 20 ? C A 20 . ? 1_555 ? 
4 AC1 5 G A 21 ? G A 21 . ? 1_555 ? 
5 AC1 5 G A 22 ? G A 22 . ? 1_555 ? 
# 
_pdbx_entry_details.entry_id                 2CD6 
_pdbx_entry_details.compound_details         ? 
_pdbx_entry_details.source_details           ? 
_pdbx_entry_details.nonpolymer_details       ? 
_pdbx_entry_details.sequence_details         
;THE SEQUENCE CORRESPONDS TO NUCLEOTIDES 66 TO 73, AND
354 TO 360 OF THE E. COLI RNASE P RNA, WITH TWO G:C PAIRS
ADDED ON THE 5' SIDE OF THE HELIX, AND ONE U:A PAIR,
ONE C:G PAIR AND A UUCG LOOP ADDED ON THE OTHER
SIDE. IN THE PDB ENTRY,NUCLEOTIDES 3-10 CORRESPOND TO
66-73 IN E. COLI RNASE P RNA, AND NUCLEOTIDES 19-25
CORRESPOND TO 334-360.
;
_pdbx_entry_details.has_ligand_of_interest   ? 
# 
_pdbx_nmr_ensemble.entry_id                             2CD6 
_pdbx_nmr_ensemble.conformers_calculated_total_number   50 
_pdbx_nmr_ensemble.conformers_submitted_total_number    1 
_pdbx_nmr_ensemble.conformer_selection_criteria         'LEAST RESTRAINT VIOLATION' 
# 
_pdbx_nmr_sample_details.solution_id   1 
_pdbx_nmr_sample_details.contents      '90% WATER/10% D2O' 
# 
_pdbx_nmr_exptl_sample_conditions.conditions_id          1 
_pdbx_nmr_exptl_sample_conditions.temperature            288.0 
_pdbx_nmr_exptl_sample_conditions.pressure_units         atm 
_pdbx_nmr_exptl_sample_conditions.pressure               1.0 
_pdbx_nmr_exptl_sample_conditions.pH                     6.5 
_pdbx_nmr_exptl_sample_conditions.ionic_strength         100 
_pdbx_nmr_exptl_sample_conditions.ionic_strength_units   mM 
_pdbx_nmr_exptl_sample_conditions.pH_units               pH 
_pdbx_nmr_exptl_sample_conditions.temperature_units      K 
# 
_pdbx_nmr_exptl.experiment_id   1 
_pdbx_nmr_exptl.conditions_id   1 
_pdbx_nmr_exptl.type            '1H-15N HSCQ' 
_pdbx_nmr_exptl.solution_id     1 
# 
_pdbx_nmr_details.entry_id   2CD6 
_pdbx_nmr_details.text       
;THE STRUCTURE WAS DETERMINED USING CONSTRAINTS FROM HOMONUCLEAR NMR EXPERIMENTS AS DESCRIBED IN ENTRY 17F9, AND ADDITIONAL RESIDUAL DIPOLAR COUPLINGS FOR IMINO RESONANCES AQCUIRED WITH AND WITHOUT 30 MG PER ML PF1 PHAGE PRESENT IN SOLUTION
;
# 
_pdbx_nmr_refine.entry_id           2CD6 
_pdbx_nmr_refine.method             'RESTRAINED MOLECULAR DYNAMICS' 
_pdbx_nmr_refine.details            
'DETAILS OF THE REFINEMENT PROCEDURE AGAINST RESIDUAL DIPOLAR COUPLINGS ARE GIVEN IN THE PRIMARY CITATION ABOVE' 
_pdbx_nmr_refine.software_ordinal   1 
# 
loop_
_pdbx_nmr_software.classification 
_pdbx_nmr_software.name 
_pdbx_nmr_software.version 
_pdbx_nmr_software.authors 
_pdbx_nmr_software.ordinal 
refinement           Xplor-NIH NIH BRUNGER 1 
'structure solution' Xplor-NIH NIH ?       2 
# 
loop_
_chem_comp_atom.comp_id 
_chem_comp_atom.atom_id 
_chem_comp_atom.type_symbol 
_chem_comp_atom.pdbx_aromatic_flag 
_chem_comp_atom.pdbx_stereo_config 
_chem_comp_atom.pdbx_ordinal 
A   OP3    O  N N 1   
A   P      P  N N 2   
A   OP1    O  N N 3   
A   OP2    O  N N 4   
A   "O5'"  O  N N 5   
A   "C5'"  C  N N 6   
A   "C4'"  C  N R 7   
A   "O4'"  O  N N 8   
A   "C3'"  C  N S 9   
A   "O3'"  O  N N 10  
A   "C2'"  C  N R 11  
A   "O2'"  O  N N 12  
A   "C1'"  C  N R 13  
A   N9     N  Y N 14  
A   C8     C  Y N 15  
A   N7     N  Y N 16  
A   C5     C  Y N 17  
A   C6     C  Y N 18  
A   N6     N  N N 19  
A   N1     N  Y N 20  
A   C2     C  Y N 21  
A   N3     N  Y N 22  
A   C4     C  Y N 23  
A   HOP3   H  N N 24  
A   HOP2   H  N N 25  
A   "H5'"  H  N N 26  
A   "H5''" H  N N 27  
A   "H4'"  H  N N 28  
A   "H3'"  H  N N 29  
A   "HO3'" H  N N 30  
A   "H2'"  H  N N 31  
A   "HO2'" H  N N 32  
A   "H1'"  H  N N 33  
A   H8     H  N N 34  
A   H61    H  N N 35  
A   H62    H  N N 36  
A   H2     H  N N 37  
C   OP3    O  N N 38  
C   P      P  N N 39  
C   OP1    O  N N 40  
C   OP2    O  N N 41  
C   "O5'"  O  N N 42  
C   "C5'"  C  N N 43  
C   "C4'"  C  N R 44  
C   "O4'"  O  N N 45  
C   "C3'"  C  N S 46  
C   "O3'"  O  N N 47  
C   "C2'"  C  N R 48  
C   "O2'"  O  N N 49  
C   "C1'"  C  N R 50  
C   N1     N  N N 51  
C   C2     C  N N 52  
C   O2     O  N N 53  
C   N3     N  N N 54  
C   C4     C  N N 55  
C   N4     N  N N 56  
C   C5     C  N N 57  
C   C6     C  N N 58  
C   HOP3   H  N N 59  
C   HOP2   H  N N 60  
C   "H5'"  H  N N 61  
C   "H5''" H  N N 62  
C   "H4'"  H  N N 63  
C   "H3'"  H  N N 64  
C   "HO3'" H  N N 65  
C   "H2'"  H  N N 66  
C   "HO2'" H  N N 67  
C   "H1'"  H  N N 68  
C   H41    H  N N 69  
C   H42    H  N N 70  
C   H5     H  N N 71  
C   H6     H  N N 72  
G   OP3    O  N N 73  
G   P      P  N N 74  
G   OP1    O  N N 75  
G   OP2    O  N N 76  
G   "O5'"  O  N N 77  
G   "C5'"  C  N N 78  
G   "C4'"  C  N R 79  
G   "O4'"  O  N N 80  
G   "C3'"  C  N S 81  
G   "O3'"  O  N N 82  
G   "C2'"  C  N R 83  
G   "O2'"  O  N N 84  
G   "C1'"  C  N R 85  
G   N9     N  Y N 86  
G   C8     C  Y N 87  
G   N7     N  Y N 88  
G   C5     C  Y N 89  
G   C6     C  N N 90  
G   O6     O  N N 91  
G   N1     N  N N 92  
G   C2     C  N N 93  
G   N2     N  N N 94  
G   N3     N  N N 95  
G   C4     C  Y N 96  
G   HOP3   H  N N 97  
G   HOP2   H  N N 98  
G   "H5'"  H  N N 99  
G   "H5''" H  N N 100 
G   "H4'"  H  N N 101 
G   "H3'"  H  N N 102 
G   "HO3'" H  N N 103 
G   "H2'"  H  N N 104 
G   "HO2'" H  N N 105 
G   "H1'"  H  N N 106 
G   H8     H  N N 107 
G   H1     H  N N 108 
G   H21    H  N N 109 
G   H22    H  N N 110 
NCO CO     CO N N 111 
NCO N1     N  N N 112 
NCO N2     N  N N 113 
NCO N3     N  N N 114 
NCO N4     N  N N 115 
NCO N5     N  N N 116 
NCO N6     N  N N 117 
NCO HN11   H  N N 118 
NCO HN12   H  N N 119 
NCO HN13   H  N N 120 
NCO HN21   H  N N 121 
NCO HN22   H  N N 122 
NCO HN23   H  N N 123 
NCO HN31   H  N N 124 
NCO HN32   H  N N 125 
NCO HN33   H  N N 126 
NCO HN41   H  N N 127 
NCO HN42   H  N N 128 
NCO HN43   H  N N 129 
NCO HN51   H  N N 130 
NCO HN52   H  N N 131 
NCO HN53   H  N N 132 
NCO HN61   H  N N 133 
NCO HN62   H  N N 134 
NCO HN63   H  N N 135 
U   OP3    O  N N 136 
U   P      P  N N 137 
U   OP1    O  N N 138 
U   OP2    O  N N 139 
U   "O5'"  O  N N 140 
U   "C5'"  C  N N 141 
U   "C4'"  C  N R 142 
U   "O4'"  O  N N 143 
U   "C3'"  C  N S 144 
U   "O3'"  O  N N 145 
U   "C2'"  C  N R 146 
U   "O2'"  O  N N 147 
U   "C1'"  C  N R 148 
U   N1     N  N N 149 
U   C2     C  N N 150 
U   O2     O  N N 151 
U   N3     N  N N 152 
U   C4     C  N N 153 
U   O4     O  N N 154 
U   C5     C  N N 155 
U   C6     C  N N 156 
U   HOP3   H  N N 157 
U   HOP2   H  N N 158 
U   "H5'"  H  N N 159 
U   "H5''" H  N N 160 
U   "H4'"  H  N N 161 
U   "H3'"  H  N N 162 
U   "HO3'" H  N N 163 
U   "H2'"  H  N N 164 
U   "HO2'" H  N N 165 
U   "H1'"  H  N N 166 
U   H3     H  N N 167 
U   H5     H  N N 168 
U   H6     H  N N 169 
# 
loop_
_chem_comp_bond.comp_id 
_chem_comp_bond.atom_id_1 
_chem_comp_bond.atom_id_2 
_chem_comp_bond.value_order 
_chem_comp_bond.pdbx_aromatic_flag 
_chem_comp_bond.pdbx_stereo_config 
_chem_comp_bond.pdbx_ordinal 
A   OP3   P      sing N N 1   
A   OP3   HOP3   sing N N 2   
A   P     OP1    doub N N 3   
A   P     OP2    sing N N 4   
A   P     "O5'"  sing N N 5   
A   OP2   HOP2   sing N N 6   
A   "O5'" "C5'"  sing N N 7   
A   "C5'" "C4'"  sing N N 8   
A   "C5'" "H5'"  sing N N 9   
A   "C5'" "H5''" sing N N 10  
A   "C4'" "O4'"  sing N N 11  
A   "C4'" "C3'"  sing N N 12  
A   "C4'" "H4'"  sing N N 13  
A   "O4'" "C1'"  sing N N 14  
A   "C3'" "O3'"  sing N N 15  
A   "C3'" "C2'"  sing N N 16  
A   "C3'" "H3'"  sing N N 17  
A   "O3'" "HO3'" sing N N 18  
A   "C2'" "O2'"  sing N N 19  
A   "C2'" "C1'"  sing N N 20  
A   "C2'" "H2'"  sing N N 21  
A   "O2'" "HO2'" sing N N 22  
A   "C1'" N9     sing N N 23  
A   "C1'" "H1'"  sing N N 24  
A   N9    C8     sing Y N 25  
A   N9    C4     sing Y N 26  
A   C8    N7     doub Y N 27  
A   C8    H8     sing N N 28  
A   N7    C5     sing Y N 29  
A   C5    C6     sing Y N 30  
A   C5    C4     doub Y N 31  
A   C6    N6     sing N N 32  
A   C6    N1     doub Y N 33  
A   N6    H61    sing N N 34  
A   N6    H62    sing N N 35  
A   N1    C2     sing Y N 36  
A   C2    N3     doub Y N 37  
A   C2    H2     sing N N 38  
A   N3    C4     sing Y N 39  
C   OP3   P      sing N N 40  
C   OP3   HOP3   sing N N 41  
C   P     OP1    doub N N 42  
C   P     OP2    sing N N 43  
C   P     "O5'"  sing N N 44  
C   OP2   HOP2   sing N N 45  
C   "O5'" "C5'"  sing N N 46  
C   "C5'" "C4'"  sing N N 47  
C   "C5'" "H5'"  sing N N 48  
C   "C5'" "H5''" sing N N 49  
C   "C4'" "O4'"  sing N N 50  
C   "C4'" "C3'"  sing N N 51  
C   "C4'" "H4'"  sing N N 52  
C   "O4'" "C1'"  sing N N 53  
C   "C3'" "O3'"  sing N N 54  
C   "C3'" "C2'"  sing N N 55  
C   "C3'" "H3'"  sing N N 56  
C   "O3'" "HO3'" sing N N 57  
C   "C2'" "O2'"  sing N N 58  
C   "C2'" "C1'"  sing N N 59  
C   "C2'" "H2'"  sing N N 60  
C   "O2'" "HO2'" sing N N 61  
C   "C1'" N1     sing N N 62  
C   "C1'" "H1'"  sing N N 63  
C   N1    C2     sing N N 64  
C   N1    C6     sing N N 65  
C   C2    O2     doub N N 66  
C   C2    N3     sing N N 67  
C   N3    C4     doub N N 68  
C   C4    N4     sing N N 69  
C   C4    C5     sing N N 70  
C   N4    H41    sing N N 71  
C   N4    H42    sing N N 72  
C   C5    C6     doub N N 73  
C   C5    H5     sing N N 74  
C   C6    H6     sing N N 75  
G   OP3   P      sing N N 76  
G   OP3   HOP3   sing N N 77  
G   P     OP1    doub N N 78  
G   P     OP2    sing N N 79  
G   P     "O5'"  sing N N 80  
G   OP2   HOP2   sing N N 81  
G   "O5'" "C5'"  sing N N 82  
G   "C5'" "C4'"  sing N N 83  
G   "C5'" "H5'"  sing N N 84  
G   "C5'" "H5''" sing N N 85  
G   "C4'" "O4'"  sing N N 86  
G   "C4'" "C3'"  sing N N 87  
G   "C4'" "H4'"  sing N N 88  
G   "O4'" "C1'"  sing N N 89  
G   "C3'" "O3'"  sing N N 90  
G   "C3'" "C2'"  sing N N 91  
G   "C3'" "H3'"  sing N N 92  
G   "O3'" "HO3'" sing N N 93  
G   "C2'" "O2'"  sing N N 94  
G   "C2'" "C1'"  sing N N 95  
G   "C2'" "H2'"  sing N N 96  
G   "O2'" "HO2'" sing N N 97  
G   "C1'" N9     sing N N 98  
G   "C1'" "H1'"  sing N N 99  
G   N9    C8     sing Y N 100 
G   N9    C4     sing Y N 101 
G   C8    N7     doub Y N 102 
G   C8    H8     sing N N 103 
G   N7    C5     sing Y N 104 
G   C5    C6     sing N N 105 
G   C5    C4     doub Y N 106 
G   C6    O6     doub N N 107 
G   C6    N1     sing N N 108 
G   N1    C2     sing N N 109 
G   N1    H1     sing N N 110 
G   C2    N2     sing N N 111 
G   C2    N3     doub N N 112 
G   N2    H21    sing N N 113 
G   N2    H22    sing N N 114 
G   N3    C4     sing N N 115 
NCO CO    N1     sing N N 116 
NCO CO    N2     sing N N 117 
NCO CO    N3     sing N N 118 
NCO CO    N4     sing N N 119 
NCO CO    N5     sing N N 120 
NCO CO    N6     sing N N 121 
NCO N1    HN11   sing N N 122 
NCO N1    HN12   sing N N 123 
NCO N1    HN13   sing N N 124 
NCO N2    HN21   sing N N 125 
NCO N2    HN22   sing N N 126 
NCO N2    HN23   sing N N 127 
NCO N3    HN31   sing N N 128 
NCO N3    HN32   sing N N 129 
NCO N3    HN33   sing N N 130 
NCO N4    HN41   sing N N 131 
NCO N4    HN42   sing N N 132 
NCO N4    HN43   sing N N 133 
NCO N5    HN51   sing N N 134 
NCO N5    HN52   sing N N 135 
NCO N5    HN53   sing N N 136 
NCO N6    HN61   sing N N 137 
NCO N6    HN62   sing N N 138 
NCO N6    HN63   sing N N 139 
U   OP3   P      sing N N 140 
U   OP3   HOP3   sing N N 141 
U   P     OP1    doub N N 142 
U   P     OP2    sing N N 143 
U   P     "O5'"  sing N N 144 
U   OP2   HOP2   sing N N 145 
U   "O5'" "C5'"  sing N N 146 
U   "C5'" "C4'"  sing N N 147 
U   "C5'" "H5'"  sing N N 148 
U   "C5'" "H5''" sing N N 149 
U   "C4'" "O4'"  sing N N 150 
U   "C4'" "C3'"  sing N N 151 
U   "C4'" "H4'"  sing N N 152 
U   "O4'" "C1'"  sing N N 153 
U   "C3'" "O3'"  sing N N 154 
U   "C3'" "C2'"  sing N N 155 
U   "C3'" "H3'"  sing N N 156 
U   "O3'" "HO3'" sing N N 157 
U   "C2'" "O2'"  sing N N 158 
U   "C2'" "C1'"  sing N N 159 
U   "C2'" "H2'"  sing N N 160 
U   "O2'" "HO2'" sing N N 161 
U   "C1'" N1     sing N N 162 
U   "C1'" "H1'"  sing N N 163 
U   N1    C2     sing N N 164 
U   N1    C6     sing N N 165 
U   C2    O2     doub N N 166 
U   C2    N3     sing N N 167 
U   N3    C4     sing N N 168 
U   N3    H3     sing N N 169 
U   C4    O4     doub N N 170 
U   C4    C5     sing N N 171 
U   C5    C6     doub N N 172 
U   C5    H5     sing N N 173 
U   C6    H6     sing N N 174 
# 
loop_
_ndb_struct_conf_na.entry_id 
_ndb_struct_conf_na.feature 
2CD6 'double helix'         
2CD6 'a-form double helix'  
2CD6 tetraloop              
2CD6 'bulge loop'           
2CD6 'mismatched base pair' 
# 
loop_
_ndb_struct_na_base_pair.model_number 
_ndb_struct_na_base_pair.i_label_asym_id 
_ndb_struct_na_base_pair.i_label_comp_id 
_ndb_struct_na_base_pair.i_label_seq_id 
_ndb_struct_na_base_pair.i_symmetry 
_ndb_struct_na_base_pair.j_label_asym_id 
_ndb_struct_na_base_pair.j_label_comp_id 
_ndb_struct_na_base_pair.j_label_seq_id 
_ndb_struct_na_base_pair.j_symmetry 
_ndb_struct_na_base_pair.shear 
_ndb_struct_na_base_pair.stretch 
_ndb_struct_na_base_pair.stagger 
_ndb_struct_na_base_pair.buckle 
_ndb_struct_na_base_pair.propeller 
_ndb_struct_na_base_pair.opening 
_ndb_struct_na_base_pair.pair_number 
_ndb_struct_na_base_pair.pair_name 
_ndb_struct_na_base_pair.i_auth_asym_id 
_ndb_struct_na_base_pair.i_auth_seq_id 
_ndb_struct_na_base_pair.i_PDB_ins_code 
_ndb_struct_na_base_pair.j_auth_asym_id 
_ndb_struct_na_base_pair.j_auth_seq_id 
_ndb_struct_na_base_pair.j_PDB_ins_code 
_ndb_struct_na_base_pair.hbond_type_28 
_ndb_struct_na_base_pair.hbond_type_12 
1 A G 1  1_555 A C 27 1_555 -0.078 -0.301 -0.312 48.989  12.056  -1.371   1  A_G1:C27_A  A 1  ? A 27 ? 19 1 
1 A G 2  1_555 A C 26 1_555 -0.354 -0.322 0.591  -4.557  -14.208 -5.594   2  A_G2:C26_A  A 2  ? A 26 ? 19 1 
1 A A 3  1_555 A U 25 1_555 0.029  -0.097 0.662  21.529  -10.268 -7.513   3  A_A3:U25_A  A 3  ? A 25 ? 20 1 
1 A A 4  1_555 A U 24 1_555 -0.128 -0.029 0.222  26.899  -16.328 -2.693   4  A_A4:U24_A  A 4  ? A 24 ? 20 1 
1 A G 5  1_555 A C 23 1_555 -0.374 -0.293 -0.625 -14.242 -30.296 2.771    5  A_G5:C23_A  A 5  ? A 23 ? 19 1 
1 A U 6  1_555 A G 22 1_555 2.353  -0.356 0.152  -8.435  -0.595  3.901    6  A_U6:G22_A  A 6  ? A 22 ? 28 1 
1 A C 8  1_555 A G 21 1_555 0.166  -0.448 -1.112 9.066   -14.300 0.688    7  A_C8:G21_A  A 8  ? A 21 ? 19 1 
1 A G 9  1_555 A C 20 1_555 -0.184 -0.198 -0.234 -1.216  -14.562 -0.474   8  A_G9:C20_A  A 9  ? A 20 ? 19 1 
1 A G 10 1_555 A C 19 1_555 -0.356 -0.332 -0.572 -11.825 -32.576 3.315    9  A_G10:C19_A A 10 ? A 19 ? 19 1 
1 A U 11 1_555 A A 18 1_555 -0.153 -0.613 -1.310 -15.359 -12.667 -2.569   10 A_U11:A18_A A 11 ? A 18 ? 20 1 
1 A C 12 1_555 A G 17 1_555 0.459  -0.208 -0.240 -10.950 5.615   -1.763   11 A_C12:G17_A A 12 ? A 17 ? 19 1 
1 A U 13 1_555 A G 16 1_555 0.820  -5.362 -1.426 32.566  -17.023 -102.140 12 A_U13:G16_A A 13 ? A 16 ? ?  6 
# 
loop_
_ndb_struct_na_base_pair_step.model_number 
_ndb_struct_na_base_pair_step.i_label_asym_id_1 
_ndb_struct_na_base_pair_step.i_label_comp_id_1 
_ndb_struct_na_base_pair_step.i_label_seq_id_1 
_ndb_struct_na_base_pair_step.i_symmetry_1 
_ndb_struct_na_base_pair_step.j_label_asym_id_1 
_ndb_struct_na_base_pair_step.j_label_comp_id_1 
_ndb_struct_na_base_pair_step.j_label_seq_id_1 
_ndb_struct_na_base_pair_step.j_symmetry_1 
_ndb_struct_na_base_pair_step.i_label_asym_id_2 
_ndb_struct_na_base_pair_step.i_label_comp_id_2 
_ndb_struct_na_base_pair_step.i_label_seq_id_2 
_ndb_struct_na_base_pair_step.i_symmetry_2 
_ndb_struct_na_base_pair_step.j_label_asym_id_2 
_ndb_struct_na_base_pair_step.j_label_comp_id_2 
_ndb_struct_na_base_pair_step.j_label_seq_id_2 
_ndb_struct_na_base_pair_step.j_symmetry_2 
_ndb_struct_na_base_pair_step.shift 
_ndb_struct_na_base_pair_step.slide 
_ndb_struct_na_base_pair_step.rise 
_ndb_struct_na_base_pair_step.tilt 
_ndb_struct_na_base_pair_step.roll 
_ndb_struct_na_base_pair_step.twist 
_ndb_struct_na_base_pair_step.x_displacement 
_ndb_struct_na_base_pair_step.y_displacement 
_ndb_struct_na_base_pair_step.helical_rise 
_ndb_struct_na_base_pair_step.inclination 
_ndb_struct_na_base_pair_step.tip 
_ndb_struct_na_base_pair_step.helical_twist 
_ndb_struct_na_base_pair_step.step_number 
_ndb_struct_na_base_pair_step.step_name 
_ndb_struct_na_base_pair_step.i_auth_asym_id_1 
_ndb_struct_na_base_pair_step.i_auth_seq_id_1 
_ndb_struct_na_base_pair_step.i_PDB_ins_code_1 
_ndb_struct_na_base_pair_step.j_auth_asym_id_1 
_ndb_struct_na_base_pair_step.j_auth_seq_id_1 
_ndb_struct_na_base_pair_step.j_PDB_ins_code_1 
_ndb_struct_na_base_pair_step.i_auth_asym_id_2 
_ndb_struct_na_base_pair_step.i_auth_seq_id_2 
_ndb_struct_na_base_pair_step.i_PDB_ins_code_2 
_ndb_struct_na_base_pair_step.j_auth_asym_id_2 
_ndb_struct_na_base_pair_step.j_auth_seq_id_2 
_ndb_struct_na_base_pair_step.j_PDB_ins_code_2 
1 A G 1  1_555 A C 27 1_555 A G 2  1_555 A C 26 1_555 -1.042 -0.890 6.161 -5.094 22.363 25.207  -8.091 0.289  4.181 41.843 9.531   
33.954  1  AA_G1G2:C26C27_AA   A 1  ? A 27 ? A 2  ? A 26 ? 
1 A G 2  1_555 A C 26 1_555 A A 3  1_555 A U 25 1_555 -0.288 -1.165 2.465 -1.427 6.909  32.786  -2.838 0.330  2.191 12.067 2.492   
33.516  2  AA_G2A3:U25C26_AA   A 2  ? A 26 ? A 3  ? A 25 ? 
1 A A 3  1_555 A U 25 1_555 A A 4  1_555 A U 24 1_555 1.297  -1.212 3.647 2.431  -5.210 32.592  -1.110 -1.802 3.872 -9.195 -4.289  
33.081  3  AA_A3A4:U24U25_AA   A 3  ? A 25 ? A 4  ? A 24 ? 
1 A A 4  1_555 A U 24 1_555 A G 5  1_555 A C 23 1_555 0.529  -1.292 5.589 5.941  -0.354 31.940  -2.203 0.852  5.607 -0.636 -10.681 
32.475  4  AA_A4G5:C23U24_AA   A 4  ? A 24 ? A 5  ? A 23 ? 
1 A G 5  1_555 A C 23 1_555 A U 6  1_555 A G 22 1_555 0.498  -1.020 2.913 -5.018 15.515 39.623  -2.691 -1.102 2.299 21.803 7.051   
42.722  5  AA_G5U6:G22C23_AA   A 5  ? A 23 ? A 6  ? A 22 ? 
1 A U 6  1_555 A G 22 1_555 A C 8  1_555 A G 21 1_555 0.445  -0.651 2.934 13.092 24.402 19.777  -4.474 1.037  1.434 48.583 -26.065 
33.917  6  AA_U6C8:G21G22_AA   A 6  ? A 22 ? A 8  ? A 21 ? 
1 A C 8  1_555 A G 21 1_555 A G 9  1_555 A C 20 1_555 -0.072 -1.458 3.852 -3.453 10.423 34.133  -4.046 -0.437 3.273 17.214 5.702   
35.806  7  AA_C8G9:C20G21_AA   A 8  ? A 21 ? A 9  ? A 20 ? 
1 A G 9  1_555 A C 20 1_555 A G 10 1_555 A C 19 1_555 0.508  -0.944 3.616 4.249  12.932 35.525  -3.217 -0.201 3.135 20.299 -6.670  
37.965  8  AA_G9G10:C19C20_AA  A 9  ? A 20 ? A 10 ? A 19 ? 
1 A G 10 1_555 A C 19 1_555 A U 11 1_555 A A 18 1_555 -0.474 -1.367 3.457 -0.444 7.676  34.594  -3.392 0.712  3.098 12.715 0.735   
35.412  9  AA_G10U11:A18C19_AA A 10 ? A 19 ? A 11 ? A 18 ? 
1 A U 11 1_555 A A 18 1_555 A C 12 1_555 A G 17 1_555 -0.749 -0.898 3.392 -5.312 18.034 28.337  -4.400 0.442  2.495 32.684 9.627   
33.900  10 AA_U11C12:G17A18_AA A 11 ? A 18 ? A 12 ? A 17 ? 
1 A C 12 1_555 A G 17 1_555 A U 13 1_555 A G 16 1_555 1.698  -0.951 2.734 -3.202 3.574  108.306 -0.624 -1.080 2.677 2.204  1.974   
108.379 11 AA_C12U13:G16G17_AA A 12 ? A 17 ? A 13 ? A 16 ? 
# 
_pdbx_nmr_spectrometer.spectrometer_id   1 
_pdbx_nmr_spectrometer.model             DMX 
_pdbx_nmr_spectrometer.manufacturer      Bruker 
_pdbx_nmr_spectrometer.field_strength    600 
# 
_atom_sites.entry_id                    2CD6 
_atom_sites.fract_transf_matrix[1][1]   1.000000 
_atom_sites.fract_transf_matrix[1][2]   0.000000 
_atom_sites.fract_transf_matrix[1][3]   0.000000 
_atom_sites.fract_transf_matrix[2][1]   0.000000 
_atom_sites.fract_transf_matrix[2][2]   1.000000 
_atom_sites.fract_transf_matrix[2][3]   0.000000 
_atom_sites.fract_transf_matrix[3][1]   0.000000 
_atom_sites.fract_transf_matrix[3][2]   0.000000 
_atom_sites.fract_transf_matrix[3][3]   1.000000 
_atom_sites.fract_transf_vector[1]      0.00000 
_atom_sites.fract_transf_vector[2]      0.00000 
_atom_sites.fract_transf_vector[3]      0.00000 
# 
loop_
_atom_type.symbol 
C  
CO 
H  
N  
O  
P  
# 
loop_
_atom_site.group_PDB 
_atom_site.id 
_atom_site.type_symbol 
_atom_site.label_atom_id 
_atom_site.label_alt_id 
_atom_site.label_comp_id 
_atom_site.label_asym_id 
_atom_site.label_entity_id 
_atom_site.label_seq_id 
_atom_site.pdbx_PDB_ins_code 
_atom_site.Cartn_x 
_atom_site.Cartn_y 
_atom_site.Cartn_z 
_atom_site.occupancy 
_atom_site.B_iso_or_equiv 
_atom_site.pdbx_formal_charge 
_atom_site.auth_seq_id 
_atom_site.auth_comp_id 
_atom_site.auth_asym_id 
_atom_site.auth_atom_id 
_atom_site.pdbx_PDB_model_num 
ATOM   1   O  "O5'"  . G   A 1 1  ? -16.108 -10.922 -4.149  1.00 0.00 ? 1    G   A "O5'"  1 
ATOM   2   C  "C5'"  . G   A 1 1  ? -15.503 -11.861 -5.040  1.00 0.00 ? 1    G   A "C5'"  1 
ATOM   3   C  "C4'"  . G   A 1 1  ? -14.448 -11.199 -5.920  1.00 0.00 ? 1    G   A "C4'"  1 
ATOM   4   O  "O4'"  . G   A 1 1  ? -15.095 -10.479 -6.970  1.00 0.00 ? 1    G   A "O4'"  1 
ATOM   5   C  "C3'"  . G   A 1 1  ? -13.602 -10.152 -5.218  1.00 0.00 ? 1    G   A "C3'"  1 
ATOM   6   O  "O3'"  . G   A 1 1  ? -12.417 -10.815 -4.765  1.00 0.00 ? 1    G   A "O3'"  1 
ATOM   7   C  "C2'"  . G   A 1 1  ? -13.184 -9.213  -6.337  1.00 0.00 ? 1    G   A "C2'"  1 
ATOM   8   O  "O2'"  . G   A 1 1  ? -11.973 -9.664  -6.941  1.00 0.00 ? 1    G   A "O2'"  1 
ATOM   9   C  "C1'"  . G   A 1 1  ? -14.343 -9.309  -7.327  1.00 0.00 ? 1    G   A "C1'"  1 
ATOM   10  N  N9     . G   A 1 1  ? -15.225 -8.131  -7.257  1.00 0.00 ? 1    G   A N9     1 
ATOM   11  C  C8     . G   A 1 1  ? -15.609 -7.418  -6.152  1.00 0.00 ? 1    G   A C8     1 
ATOM   12  N  N7     . G   A 1 1  ? -16.384 -6.405  -6.424  1.00 0.00 ? 1    G   A N7     1 
ATOM   13  C  C5     . G   A 1 1  ? -16.520 -6.449  -7.808  1.00 0.00 ? 1    G   A C5     1 
ATOM   14  C  C6     . G   A 1 1  ? -17.250 -5.594  -8.679  1.00 0.00 ? 1    G   A C6     1 
ATOM   15  O  O6     . G   A 1 1  ? -17.932 -4.613  -8.391  1.00 0.00 ? 1    G   A O6     1 
ATOM   16  N  N1     . G   A 1 1  ? -17.125 -5.987  -10.003 1.00 0.00 ? 1    G   A N1     1 
ATOM   17  C  C2     . G   A 1 1  ? -16.391 -7.067  -10.439 1.00 0.00 ? 1    G   A C2     1 
ATOM   18  N  N2     . G   A 1 1  ? -16.383 -7.302  -11.752 1.00 0.00 ? 1    G   A N2     1 
ATOM   19  N  N3     . G   A 1 1  ? -15.702 -7.877  -9.629  1.00 0.00 ? 1    G   A N3     1 
ATOM   20  C  C4     . G   A 1 1  ? -15.814 -7.506  -8.330  1.00 0.00 ? 1    G   A C4     1 
ATOM   21  H  "H5'"  . G   A 1 1  ? -16.274 -12.297 -5.676  1.00 0.00 ? 1    G   A "H5'"  1 
ATOM   22  H  "H5''" . G   A 1 1  ? -15.033 -12.653 -4.457  1.00 0.00 ? 1    G   A "H5''" 1 
ATOM   23  H  "H4'"  . G   A 1 1  ? -13.816 -11.972 -6.357  1.00 0.00 ? 1    G   A "H4'"  1 
ATOM   24  H  "H3'"  . G   A 1 1  ? -14.119 -9.647  -4.405  1.00 0.00 ? 1    G   A "H3'"  1 
ATOM   25  H  "H2'"  . G   A 1 1  ? -13.087 -8.196  -5.968  1.00 0.00 ? 1    G   A "H2'"  1 
ATOM   26  H  "HO2'" . G   A 1 1  ? -12.083 -10.597 -7.143  1.00 0.00 ? 1    G   A "HO2'" 1 
ATOM   27  H  "H1'"  . G   A 1 1  ? -13.968 -9.417  -8.344  1.00 0.00 ? 1    G   A "H1'"  1 
ATOM   28  H  H8     . G   A 1 1  ? -15.290 -7.669  -5.141  1.00 0.00 ? 1    G   A H8     1 
ATOM   29  H  H1     . G   A 1 1  ? -17.606 -5.431  -10.696 1.00 0.00 ? 1    G   A H1     1 
ATOM   30  H  H21    . G   A 1 1  ? -16.947 -6.736  -12.369 1.00 0.00 ? 1    G   A H21    1 
ATOM   31  H  H22    . G   A 1 1  ? -15.813 -8.047  -12.128 1.00 0.00 ? 1    G   A H22    1 
ATOM   32  H  "HO5'" . G   A 1 1  ? -16.739 -10.409 -4.660  1.00 0.00 ? 1    G   A "HO5'" 1 
ATOM   33  P  P      . G   A 1 2  ? -11.233 -9.987  -4.052  1.00 0.00 ? 2    G   A P      1 
ATOM   34  O  OP1    . G   A 1 2  ? -10.489 -10.911 -3.169  1.00 0.00 ? 2    G   A OP1    1 
ATOM   35  O  OP2    . G   A 1 2  ? -11.808 -8.740  -3.500  1.00 0.00 ? 2    G   A OP2    1 
ATOM   36  O  "O5'"  . G   A 1 2  ? -10.279 -9.596  -5.290  1.00 0.00 ? 2    G   A "O5'"  1 
ATOM   37  C  "C5'"  . G   A 1 2  ? -9.381  -10.559 -5.852  1.00 0.00 ? 2    G   A "C5'"  1 
ATOM   38  C  "C4'"  . G   A 1 2  ? -8.815  -10.083 -7.187  1.00 0.00 ? 2    G   A "C4'"  1 
ATOM   39  O  "O4'"  . G   A 1 2  ? -9.877  -9.530  -7.972  1.00 0.00 ? 2    G   A "O4'"  1 
ATOM   40  C  "C3'"  . G   A 1 2  ? -7.798  -8.958  -7.081  1.00 0.00 ? 2    G   A "C3'"  1 
ATOM   41  O  "O3'"  . G   A 1 2  ? -6.502  -9.558  -7.085  1.00 0.00 ? 2    G   A "O3'"  1 
ATOM   42  C  "C2'"  . G   A 1 2  ? -7.955  -8.220  -8.400  1.00 0.00 ? 2    G   A "C2'"  1 
ATOM   43  O  "O2'"  . G   A 1 2  ? -7.224  -8.882  -9.436  1.00 0.00 ? 2    G   A "O2'"  1 
ATOM   44  C  "C1'"  . G   A 1 2  ? -9.457  -8.334  -8.645  1.00 0.00 ? 2    G   A "C1'"  1 
ATOM   45  N  N9     . G   A 1 2  ? -10.199 -7.194  -8.078  1.00 0.00 ? 2    G   A N9     1 
ATOM   46  C  C8     . G   A 1 2  ? -10.841 -7.113  -6.872  1.00 0.00 ? 2    G   A C8     1 
ATOM   47  N  N7     . G   A 1 2  ? -11.405 -5.958  -6.653  1.00 0.00 ? 2    G   A N7     1 
ATOM   48  C  C5     . G   A 1 2  ? -11.118 -5.222  -7.799  1.00 0.00 ? 2    G   A C5     1 
ATOM   49  C  C6     . G   A 1 2  ? -11.471 -3.887  -8.139  1.00 0.00 ? 2    G   A C6     1 
ATOM   50  O  O6     . G   A 1 2  ? -12.132 -3.081  -7.485  1.00 0.00 ? 2    G   A O6     1 
ATOM   51  N  N1     . G   A 1 2  ? -10.978 -3.530  -9.384  1.00 0.00 ? 2    G   A N1     1 
ATOM   52  C  C2     . G   A 1 2  ? -10.242 -4.351  -10.207 1.00 0.00 ? 2    G   A C2     1 
ATOM   53  N  N2     . G   A 1 2  ? -9.857  -3.845  -11.378 1.00 0.00 ? 2    G   A N2     1 
ATOM   54  N  N3     . G   A 1 2  ? -9.905  -5.607  -9.898  1.00 0.00 ? 2    G   A N3     1 
ATOM   55  C  C4     . G   A 1 2  ? -10.377 -5.971  -8.681  1.00 0.00 ? 2    G   A C4     1 
ATOM   56  H  "H5'"  . G   A 1 2  ? -9.916  -11.496 -6.006  1.00 0.00 ? 2    G   A "H5'"  1 
ATOM   57  H  "H5''" . G   A 1 2  ? -8.559  -10.727 -5.157  1.00 0.00 ? 2    G   A "H5''" 1 
ATOM   58  H  "H4'"  . G   A 1 2  ? -8.389  -10.936 -7.715  1.00 0.00 ? 2    G   A "H4'"  1 
ATOM   59  H  "H3'"  . G   A 1 2  ? -7.948  -8.321  -6.209  1.00 0.00 ? 2    G   A "H3'"  1 
ATOM   60  H  "H2'"  . G   A 1 2  ? -7.651  -7.178  -8.305  1.00 0.00 ? 2    G   A "H2'"  1 
ATOM   61  H  "HO2'" . G   A 1 2  ? -7.801  -8.937  -10.202 1.00 0.00 ? 2    G   A "HO2'" 1 
ATOM   62  H  "H1'"  . G   A 1 2  ? -9.679  -8.418  -9.706  1.00 0.00 ? 2    G   A "H1'"  1 
ATOM   63  H  H8     . G   A 1 2  ? -10.869 -7.937  -6.157  1.00 0.00 ? 2    G   A H8     1 
ATOM   64  H  H1     . G   A 1 2  ? -11.149 -2.583  -9.692  1.00 0.00 ? 2    G   A H1     1 
ATOM   65  H  H21    . G   A 1 2  ? -10.131 -2.908  -11.638 1.00 0.00 ? 2    G   A H21    1 
ATOM   66  H  H22    . G   A 1 2  ? -9.292  -4.398  -12.007 1.00 0.00 ? 2    G   A H22    1 
ATOM   67  P  P      . A   A 1 3  ? -5.309  -8.923  -6.210  1.00 0.00 ? 3    A   A P      1 
ATOM   68  O  OP1    . A   A 1 3  ? -4.169  -9.867  -6.224  1.00 0.00 ? 3    A   A OP1    1 
ATOM   69  O  OP2    . A   A 1 3  ? -5.873  -8.466  -4.921  1.00 0.00 ? 3    A   A OP2    1 
ATOM   70  O  "O5'"  . A   A 1 3  ? -4.898  -7.624  -7.068  1.00 0.00 ? 3    A   A "O5'"  1 
ATOM   71  C  "C5'"  . A   A 1 3  ? -4.505  -7.753  -8.437  1.00 0.00 ? 3    A   A "C5'"  1 
ATOM   72  C  "C4'"  . A   A 1 3  ? -4.286  -6.391  -9.089  1.00 0.00 ? 3    A   A "C4'"  1 
ATOM   73  O  "O4'"  . A   A 1 3  ? -5.546  -5.861  -9.513  1.00 0.00 ? 3    A   A "O4'"  1 
ATOM   74  C  "C3'"  . A   A 1 3  ? -3.736  -5.321  -8.166  1.00 0.00 ? 3    A   A "C3'"  1 
ATOM   75  O  "O3'"  . A   A 1 3  ? -2.311  -5.362  -8.270  1.00 0.00 ? 3    A   A "O3'"  1 
ATOM   76  C  "C2'"  . A   A 1 3  ? -4.197  -4.033  -8.827  1.00 0.00 ? 3    A   A "C2'"  1 
ATOM   77  O  "O2'"  . A   A 1 3  ? -3.314  -3.673  -9.893  1.00 0.00 ? 3    A   A "O2'"  1 
ATOM   78  C  "C1'"  . A   A 1 3  ? -5.567  -4.428  -9.377  1.00 0.00 ? 3    A   A "C1'"  1 
ATOM   79  N  N9     . A   A 1 3  ? -6.663  -4.055  -8.464  1.00 0.00 ? 3    A   A N9     1 
ATOM   80  C  C8     . A   A 1 3  ? -7.074  -4.679  -7.314  1.00 0.00 ? 3    A   A C8     1 
ATOM   81  N  N7     . A   A 1 3  ? -8.075  -4.084  -6.725  1.00 0.00 ? 3    A   A N7     1 
ATOM   82  C  C5     . A   A 1 3  ? -8.341  -2.993  -7.543  1.00 0.00 ? 3    A   A C5     1 
ATOM   83  C  C6     . A   A 1 3  ? -9.291  -1.961  -7.473  1.00 0.00 ? 3    A   A C6     1 
ATOM   84  N  N6     . A   A 1 3  ? -10.187 -1.851  -6.493  1.00 0.00 ? 3    A   A N6     1 
ATOM   85  N  N1     . A   A 1 3  ? -9.283  -1.038  -8.448  1.00 0.00 ? 3    A   A N1     1 
ATOM   86  C  C2     . A   A 1 3  ? -8.390  -1.138  -9.425  1.00 0.00 ? 3    A   A C2     1 
ATOM   87  N  N3     . A   A 1 3  ? -7.451  -2.053  -9.604  1.00 0.00 ? 3    A   A N3     1 
ATOM   88  C  C4     . A   A 1 3  ? -7.487  -2.964  -8.607  1.00 0.00 ? 3    A   A C4     1 
ATOM   89  H  "H5'"  . A   A 1 3  ? -5.285  -8.288  -8.981  1.00 0.00 ? 3    A   A "H5'"  1 
ATOM   90  H  "H5''" . A   A 1 3  ? -3.580  -8.327  -8.488  1.00 0.00 ? 3    A   A "H5''" 1 
ATOM   91  H  "H4'"  . A   A 1 3  ? -3.642  -6.514  -9.961  1.00 0.00 ? 3    A   A "H4'"  1 
ATOM   92  H  "H3'"  . A   A 1 3  ? -4.072  -5.424  -7.135  1.00 0.00 ? 3    A   A "H3'"  1 
ATOM   93  H  "H2'"  . A   A 1 3  ? -4.285  -3.228  -8.098  1.00 0.00 ? 3    A   A "H2'"  1 
ATOM   94  H  "HO2'" . A   A 1 3  ? -3.836  -3.209  -10.552 1.00 0.00 ? 3    A   A "HO2'" 1 
ATOM   95  H  "H1'"  . A   A 1 3  ? -5.739  -3.974  -10.353 1.00 0.00 ? 3    A   A "H1'"  1 
ATOM   96  H  H8     . A   A 1 3  ? -6.609  -5.588  -6.930  1.00 0.00 ? 3    A   A H8     1 
ATOM   97  H  H61    . A   A 1 3  ? -10.807 -1.053  -6.463  1.00 0.00 ? 3    A   A H61    1 
ATOM   98  H  H62    . A   A 1 3  ? -10.248 -2.564  -5.781  1.00 0.00 ? 3    A   A H62    1 
ATOM   99  H  H2     . A   A 1 3  ? -8.437  -0.358  -10.186 1.00 0.00 ? 3    A   A H2     1 
ATOM   100 P  P      . A   A 1 4  ? -1.397  -4.447  -7.310  1.00 0.00 ? 4    A   A P      1 
ATOM   101 O  OP1    . A   A 1 4  ? 0.010   -4.576  -7.750  1.00 0.00 ? 4    A   A OP1    1 
ATOM   102 O  OP2    . A   A 1 4  ? -1.761  -4.741  -5.906  1.00 0.00 ? 4    A   A OP2    1 
ATOM   103 O  "O5'"  . A   A 1 4  ? -1.901  -2.957  -7.659  1.00 0.00 ? 4    A   A "O5'"  1 
ATOM   104 C  "C5'"  . A   A 1 4  ? -1.389  -2.271  -8.804  1.00 0.00 ? 4    A   A "C5'"  1 
ATOM   105 C  "C4'"  . A   A 1 4  ? -2.072  -0.923  -9.007  1.00 0.00 ? 4    A   A "C4'"  1 
ATOM   106 O  "O4'"  . A   A 1 4  ? -3.490  -1.084  -8.898  1.00 0.00 ? 4    A   A "O4'"  1 
ATOM   107 C  "C3'"  . A   A 1 4  ? -1.749  0.123   -7.957  1.00 0.00 ? 4    A   A "C3'"  1 
ATOM   108 O  "O3'"  . A   A 1 4  ? -0.609  0.851   -8.421  1.00 0.00 ? 4    A   A "O3'"  1 
ATOM   109 C  "C2'"  . A   A 1 4  ? -2.944  1.060   -8.035  1.00 0.00 ? 4    A   A "C2'"  1 
ATOM   110 O  "O2'"  . A   A 1 4  ? -2.783  1.989   -9.109  1.00 0.00 ? 4    A   A "O2'"  1 
ATOM   111 C  "C1'"  . A   A 1 4  ? -4.091  0.095   -8.331  1.00 0.00 ? 4    A   A "C1'"  1 
ATOM   112 N  N9     . A   A 1 4  ? -4.831  -0.289  -7.114  1.00 0.00 ? 4    A   A N9     1 
ATOM   113 C  C8     . A   A 1 4  ? -4.529  -1.265  -6.198  1.00 0.00 ? 4    A   A C8     1 
ATOM   114 N  N7     . A   A 1 4  ? -5.394  -1.354  -5.225  1.00 0.00 ? 4    A   A N7     1 
ATOM   115 C  C5     . A   A 1 4  ? -6.329  -0.369  -5.518  1.00 0.00 ? 4    A   A C5     1 
ATOM   116 C  C6     . A   A 1 4  ? -7.502  0.052   -4.872  1.00 0.00 ? 4    A   A C6     1 
ATOM   117 N  N6     . A   A 1 4  ? -7.956  -0.489  -3.742  1.00 0.00 ? 4    A   A N6     1 
ATOM   118 N  N1     . A   A 1 4  ? -8.197  1.058   -5.429  1.00 0.00 ? 4    A   A N1     1 
ATOM   119 C  C2     . A   A 1 4  ? -7.752  1.604   -6.554  1.00 0.00 ? 4    A   A C2     1 
ATOM   120 N  N3     . A   A 1 4  ? -6.670  1.300   -7.256  1.00 0.00 ? 4    A   A N3     1 
ATOM   121 C  C4     . A   A 1 4  ? -5.996  0.288   -6.669  1.00 0.00 ? 4    A   A C4     1 
ATOM   122 H  "H5'"  . A   A 1 4  ? -1.549  -2.887  -9.689  1.00 0.00 ? 4    A   A "H5'"  1 
ATOM   123 H  "H5''" . A   A 1 4  ? -0.320  -2.110  -8.672  1.00 0.00 ? 4    A   A "H5''" 1 
ATOM   124 H  "H4'"  . A   A 1 4  ? -1.833  -0.551  -10.004 1.00 0.00 ? 4    A   A "H4'"  1 
ATOM   125 H  "H3'"  . A   A 1 4  ? -1.589  -0.296  -6.964  1.00 0.00 ? 4    A   A "H3'"  1 
ATOM   126 H  "H2'"  . A   A 1 4  ? -3.101  1.573   -7.089  1.00 0.00 ? 4    A   A "H2'"  1 
ATOM   127 H  "HO2'" . A   A 1 4  ? -3.497  1.833   -9.732  1.00 0.00 ? 4    A   A "HO2'" 1 
ATOM   128 H  "H1'"  . A   A 1 4  ? -4.785  0.527   -9.050  1.00 0.00 ? 4    A   A "H1'"  1 
ATOM   129 H  H8     . A   A 1 4  ? -3.652  -1.907  -6.278  1.00 0.00 ? 4    A   A H8     1 
ATOM   130 H  H61    . A   A 1 4  ? -8.794  -0.125  -3.308  1.00 0.00 ? 4    A   A H61    1 
ATOM   131 H  H62    . A   A 1 4  ? -7.464  -1.262  -3.319  1.00 0.00 ? 4    A   A H62    1 
ATOM   132 H  H2     . A   A 1 4  ? -8.361  2.414   -6.955  1.00 0.00 ? 4    A   A H2     1 
ATOM   133 P  P      . G   A 1 5  ? 0.209   1.809   -7.420  1.00 0.00 ? 5    G   A P      1 
ATOM   134 O  OP1    . G   A 1 5  ? 1.339   2.404   -8.167  1.00 0.00 ? 5    G   A OP1    1 
ATOM   135 O  OP2    . G   A 1 5  ? 0.464   1.061   -6.168  1.00 0.00 ? 5    G   A OP2    1 
ATOM   136 O  "O5'"  . G   A 1 5  ? -0.855  2.975   -7.101  1.00 0.00 ? 5    G   A "O5'"  1 
ATOM   137 C  "C5'"  . G   A 1 5  ? -1.262  3.883   -8.129  1.00 0.00 ? 5    G   A "C5'"  1 
ATOM   138 C  "C4'"  . G   A 1 5  ? -2.464  4.716   -7.697  1.00 0.00 ? 5    G   A "C4'"  1 
ATOM   139 O  "O4'"  . G   A 1 5  ? -3.425  3.869   -7.067  1.00 0.00 ? 5    G   A "O4'"  1 
ATOM   140 C  "C3'"  . G   A 1 5  ? -2.163  5.772   -6.653  1.00 0.00 ? 5    G   A "C3'"  1 
ATOM   141 O  "O3'"  . G   A 1 5  ? -1.873  6.983   -7.357  1.00 0.00 ? 5    G   A "O3'"  1 
ATOM   142 C  "C2'"  . G   A 1 5  ? -3.500  5.971   -5.950  1.00 0.00 ? 5    G   A "C2'"  1 
ATOM   143 O  "O2'"  . G   A 1 5  ? -4.286  6.943   -6.644  1.00 0.00 ? 5    G   A "O2'"  1 
ATOM   144 C  "C1'"  . G   A 1 5  ? -4.149  4.586   -6.052  1.00 0.00 ? 5    G   A "C1'"  1 
ATOM   145 N  N9     . G   A 1 5  ? -4.062  3.826   -4.790  1.00 0.00 ? 5    G   A N9     1 
ATOM   146 C  C8     . G   A 1 5  ? -3.172  2.844   -4.443  1.00 0.00 ? 5    G   A C8     1 
ATOM   147 N  N7     . G   A 1 5  ? -3.376  2.344   -3.256  1.00 0.00 ? 5    G   A N7     1 
ATOM   148 C  C5     . G   A 1 5  ? -4.478  3.045   -2.781  1.00 0.00 ? 5    G   A C5     1 
ATOM   149 C  C6     . G   A 1 5  ? -5.162  2.936   -1.538  1.00 0.00 ? 5    G   A C6     1 
ATOM   150 O  O6     . G   A 1 5  ? -4.919  2.183   -0.597  1.00 0.00 ? 5    G   A O6     1 
ATOM   151 N  N1     . G   A 1 5  ? -6.221  3.826   -1.458  1.00 0.00 ? 5    G   A N1     1 
ATOM   152 C  C2     . G   A 1 5  ? -6.583  4.713   -2.446  1.00 0.00 ? 5    G   A C2     1 
ATOM   153 N  N2     . G   A 1 5  ? -7.628  5.501   -2.194  1.00 0.00 ? 5    G   A N2     1 
ATOM   154 N  N3     . G   A 1 5  ? -5.950  4.824   -3.618  1.00 0.00 ? 5    G   A N3     1 
ATOM   155 C  C4     . G   A 1 5  ? -4.908  3.960   -3.714  1.00 0.00 ? 5    G   A C4     1 
ATOM   156 H  "H5'"  . G   A 1 5  ? -1.524  3.317   -9.021  1.00 0.00 ? 5    G   A "H5'"  1 
ATOM   157 H  "H5''" . G   A 1 5  ? -0.432  4.550   -8.361  1.00 0.00 ? 5    G   A "H5''" 1 
ATOM   158 H  "H4'"  . G   A 1 5  ? -2.915  5.169   -8.581  1.00 0.00 ? 5    G   A "H4'"  1 
ATOM   159 H  "H3'"  . G   A 1 5  ? -1.355  5.493   -5.975  1.00 0.00 ? 5    G   A "H3'"  1 
ATOM   160 H  "H2'"  . G   A 1 5  ? -3.355  6.256   -4.908  1.00 0.00 ? 5    G   A "H2'"  1 
ATOM   161 H  "HO2'" . G   A 1 5  ? -5.018  6.477   -7.056  1.00 0.00 ? 5    G   A "HO2'" 1 
ATOM   162 H  "H1'"  . G   A 1 5  ? -5.194  4.669   -6.350  1.00 0.00 ? 5    G   A "H1'"  1 
ATOM   163 H  H8     . G   A 1 5  ? -2.363  2.517   -5.096  1.00 0.00 ? 5    G   A H8     1 
ATOM   164 H  H1     . G   A 1 5  ? -6.771  3.811   -0.612  1.00 0.00 ? 5    G   A H1     1 
ATOM   165 H  H21    . G   A 1 5  ? -8.066  5.483   -1.283  1.00 0.00 ? 5    G   A H21    1 
ATOM   166 H  H22    . G   A 1 5  ? -7.980  6.118   -2.912  1.00 0.00 ? 5    G   A H22    1 
ATOM   167 P  P      . U   A 1 6  ? -0.993  8.142   -6.670  1.00 0.00 ? 6    U   A P      1 
ATOM   168 O  OP1    . U   A 1 6  ? -1.306  9.421   -7.345  1.00 0.00 ? 6    U   A OP1    1 
ATOM   169 O  OP2    . U   A 1 6  ? 0.408   7.675   -6.589  1.00 0.00 ? 6    U   A OP2    1 
ATOM   170 O  "O5'"  . U   A 1 6  ? -1.593  8.198   -5.178  1.00 0.00 ? 6    U   A "O5'"  1 
ATOM   171 C  "C5'"  . U   A 1 6  ? -2.750  8.986   -4.891  1.00 0.00 ? 6    U   A "C5'"  1 
ATOM   172 C  "C4'"  . U   A 1 6  ? -3.054  9.010   -3.398  1.00 0.00 ? 6    U   A "C4'"  1 
ATOM   173 O  "O4'"  . U   A 1 6  ? -3.514  7.730   -2.989  1.00 0.00 ? 6    U   A "O4'"  1 
ATOM   174 C  "C3'"  . U   A 1 6  ? -1.850  9.248   -2.506  1.00 0.00 ? 6    U   A "C3'"  1 
ATOM   175 O  "O3'"  . U   A 1 6  ? -1.785  10.655  -2.260  1.00 0.00 ? 6    U   A "O3'"  1 
ATOM   176 C  "C2'"  . U   A 1 6  ? -2.226  8.575   -1.182  1.00 0.00 ? 6    U   A "C2'"  1 
ATOM   177 O  "O2'"  . U   A 1 6  ? -2.734  9.543   -0.260  1.00 0.00 ? 6    U   A "O2'"  1 
ATOM   178 C  "C1'"  . U   A 1 6  ? -3.333  7.584   -1.577  1.00 0.00 ? 6    U   A "C1'"  1 
ATOM   179 N  N1     . U   A 1 6  ? -2.956  6.176   -1.298  1.00 0.00 ? 6    U   A N1     1 
ATOM   180 C  C2     . U   A 1 6  ? -3.430  5.588   -0.133  1.00 0.00 ? 6    U   A C2     1 
ATOM   181 O  O2     . U   A 1 6  ? -4.137  6.194   0.670   1.00 0.00 ? 6    U   A O2     1 
ATOM   182 N  N3     . U   A 1 6  ? -3.061  4.274   0.078   1.00 0.00 ? 6    U   A N3     1 
ATOM   183 C  C4     . U   A 1 6  ? -2.271  3.508   -0.757  1.00 0.00 ? 6    U   A C4     1 
ATOM   184 O  O4     . U   A 1 6  ? -2.010  2.344   -0.460  1.00 0.00 ? 6    U   A O4     1 
ATOM   185 C  C5     . U   A 1 6  ? -1.814  4.187   -1.947  1.00 0.00 ? 6    U   A C5     1 
ATOM   186 C  C6     . U   A 1 6  ? -2.166  5.476   -2.175  1.00 0.00 ? 6    U   A C6     1 
ATOM   187 H  "H5'"  . U   A 1 6  ? -3.606  8.569   -5.422  1.00 0.00 ? 6    U   A "H5'"  1 
ATOM   188 H  "H5''" . U   A 1 6  ? -2.580  10.006  -5.236  1.00 0.00 ? 6    U   A "H5''" 1 
ATOM   189 H  "H4'"  . U   A 1 6  ? -3.832  9.748   -3.202  1.00 0.00 ? 6    U   A "H4'"  1 
ATOM   190 H  "H3'"  . U   A 1 6  ? -0.920  8.870   -2.929  1.00 0.00 ? 6    U   A "H3'"  1 
ATOM   191 H  "H2'"  . U   A 1 6  ? -1.369  8.048   -0.762  1.00 0.00 ? 6    U   A "H2'"  1 
ATOM   192 H  "HO2'" . U   A 1 6  ? -2.394  9.314   0.609   1.00 0.00 ? 6    U   A "HO2'" 1 
ATOM   193 H  "H1'"  . U   A 1 6  ? -4.271  7.829   -1.073  1.00 0.00 ? 6    U   A "H1'"  1 
ATOM   194 H  H3     . U   A 1 6  ? -3.400  3.832   0.924   1.00 0.00 ? 6    U   A H3     1 
ATOM   195 H  H5     . U   A 1 6  ? -1.182  3.662   -2.664  1.00 0.00 ? 6    U   A H5     1 
ATOM   196 H  H6     . U   A 1 6  ? -1.813  5.969   -3.081  1.00 0.00 ? 6    U   A H6     1 
ATOM   197 P  P      . U   A 1 7  ? -0.679  11.558  -3.005  1.00 0.00 ? 7    U   A P      1 
ATOM   198 O  OP1    . U   A 1 7  ? -1.110  12.972  -2.935  1.00 0.00 ? 7    U   A OP1    1 
ATOM   199 O  OP2    . U   A 1 7  ? -0.383  10.941  -4.317  1.00 0.00 ? 7    U   A OP2    1 
ATOM   200 O  "O5'"  . U   A 1 7  ? 0.613   11.378  -2.063  1.00 0.00 ? 7    U   A "O5'"  1 
ATOM   201 C  "C5'"  . U   A 1 7  ? 1.697   10.537  -2.468  1.00 0.00 ? 7    U   A "C5'"  1 
ATOM   202 C  "C4'"  . U   A 1 7  ? 1.543   9.117   -1.915  1.00 0.00 ? 7    U   A "C4'"  1 
ATOM   203 O  "O4'"  . U   A 1 7  ? 1.189   8.245   -2.978  1.00 0.00 ? 7    U   A "O4'"  1 
ATOM   204 C  "C3'"  . U   A 1 7  ? 2.812   8.501   -1.337  1.00 0.00 ? 7    U   A "C3'"  1 
ATOM   205 O  "O3'"  . U   A 1 7  ? 2.745   8.674   0.081   1.00 0.00 ? 7    U   A "O3'"  1 
ATOM   206 C  "C2'"  . U   A 1 7  ? 2.670   7.000   -1.598  1.00 0.00 ? 7    U   A "C2'"  1 
ATOM   207 O  "O2'"  . U   A 1 7  ? 2.251   6.332   -0.409  1.00 0.00 ? 7    U   A "O2'"  1 
ATOM   208 C  "C1'"  . U   A 1 7  ? 1.584   6.904   -2.675  1.00 0.00 ? 7    U   A "C1'"  1 
ATOM   209 N  N1     . U   A 1 7  ? 2.088   6.271   -3.914  1.00 0.00 ? 7    U   A N1     1 
ATOM   210 C  C2     . U   A 1 7  ? 2.846   7.056   -4.762  1.00 0.00 ? 7    U   A C2     1 
ATOM   211 O  O2     . U   A 1 7  ? 3.095   8.236   -4.524  1.00 0.00 ? 7    U   A O2     1 
ATOM   212 N  N3     . U   A 1 7  ? 3.317   6.434   -5.903  1.00 0.00 ? 7    U   A N3     1 
ATOM   213 C  C4     . U   A 1 7  ? 3.097   5.117   -6.261  1.00 0.00 ? 7    U   A C4     1 
ATOM   214 O  O4     . U   A 1 7  ? 3.569   4.676   -7.308  1.00 0.00 ? 7    U   A O4     1 
ATOM   215 C  C5     . U   A 1 7  ? 2.296   4.365   -5.323  1.00 0.00 ? 7    U   A C5     1 
ATOM   216 C  C6     . U   A 1 7  ? 1.827   4.957   -4.201  1.00 0.00 ? 7    U   A C6     1 
ATOM   217 H  "H5'"  . U   A 1 7  ? 2.632   10.971  -2.110  1.00 0.00 ? 7    U   A "H5'"  1 
ATOM   218 H  "H5''" . U   A 1 7  ? 1.723   10.492  -3.558  1.00 0.00 ? 7    U   A "H5''" 1 
ATOM   219 H  "H4'"  . U   A 1 7  ? 0.743   9.112   -1.175  1.00 0.00 ? 7    U   A "H4'"  1 
ATOM   220 H  "H3'"  . U   A 1 7  ? 3.726   8.926   -1.752  1.00 0.00 ? 7    U   A "H3'"  1 
ATOM   221 H  "H2'"  . U   A 1 7  ? 3.603   6.583   -1.960  1.00 0.00 ? 7    U   A "H2'"  1 
ATOM   222 H  "HO2'" . U   A 1 7  ? 2.868   6.573   0.287   1.00 0.00 ? 7    U   A "HO2'" 1 
ATOM   223 H  "H1'"  . U   A 1 7  ? 0.719   6.352   -2.303  1.00 0.00 ? 7    U   A "H1'"  1 
ATOM   224 H  H3     . U   A 1 7  ? 3.875   6.993   -6.533  1.00 0.00 ? 7    U   A H3     1 
ATOM   225 H  H5     . U   A 1 7  ? 2.073   3.319   -5.515  1.00 0.00 ? 7    U   A H5     1 
ATOM   226 H  H6     . U   A 1 7  ? 1.220   4.375   -3.509  1.00 0.00 ? 7    U   A H6     1 
ATOM   227 P  P      . C   A 1 8  ? 3.991   9.283   0.900   1.00 0.00 ? 8    C   A P      1 
ATOM   228 O  OP1    . C   A 1 8  ? 4.932   9.891   -0.066  1.00 0.00 ? 8    C   A OP1    1 
ATOM   229 O  OP2    . C   A 1 8  ? 4.468   8.255   1.852   1.00 0.00 ? 8    C   A OP2    1 
ATOM   230 O  "O5'"  . C   A 1 8  ? 3.297   10.465  1.744   1.00 0.00 ? 8    C   A "O5'"  1 
ATOM   231 C  "C5'"  . C   A 1 8  ? 1.955   10.877  1.461   1.00 0.00 ? 8    C   A "C5'"  1 
ATOM   232 C  "C4'"  . C   A 1 8  ? 0.986   10.421  2.557   1.00 0.00 ? 8    C   A "C4'"  1 
ATOM   233 O  "O4'"  . C   A 1 8  ? -0.027  9.583   1.995   1.00 0.00 ? 8    C   A "O4'"  1 
ATOM   234 C  "C3'"  . C   A 1 8  ? 1.589   9.540   3.628   1.00 0.00 ? 8    C   A "C3'"  1 
ATOM   235 O  "O3'"  . C   A 1 8  ? 2.149   10.396  4.626   1.00 0.00 ? 8    C   A "O3'"  1 
ATOM   236 C  "C2'"  . C   A 1 8  ? 0.358   8.881   4.232   1.00 0.00 ? 8    C   A "C2'"  1 
ATOM   237 O  "O2'"  . C   A 1 8  ? -0.261  9.745   5.185   1.00 0.00 ? 8    C   A "O2'"  1 
ATOM   238 C  "C1'"  . C   A 1 8  ? -0.542  8.698   3.007   1.00 0.00 ? 8    C   A "C1'"  1 
ATOM   239 N  N1     . C   A 1 8  ? -0.528  7.300   2.516   1.00 0.00 ? 8    C   A N1     1 
ATOM   240 C  C2     . C   A 1 8  ? -1.272  6.371   3.233   1.00 0.00 ? 8    C   A C2     1 
ATOM   241 O  O2     . C   A 1 8  ? -1.920  6.725   4.217   1.00 0.00 ? 8    C   A O2     1 
ATOM   242 N  N3     . C   A 1 8  ? -1.271  5.073   2.827   1.00 0.00 ? 8    C   A N3     1 
ATOM   243 C  C4     . C   A 1 8  ? -0.565  4.696   1.755   1.00 0.00 ? 8    C   A C4     1 
ATOM   244 N  N4     . C   A 1 8  ? -0.591  3.407   1.417   1.00 0.00 ? 8    C   A N4     1 
ATOM   245 C  C5     . C   A 1 8  ? 0.200   5.642   1.006   1.00 0.00 ? 8    C   A C5     1 
ATOM   246 C  C6     . C   A 1 8  ? 0.194   6.926   1.415   1.00 0.00 ? 8    C   A C6     1 
ATOM   247 H  "H5'"  . C   A 1 8  ? 1.637   10.449  0.511   1.00 0.00 ? 8    C   A "H5'"  1 
ATOM   248 H  "H5''" . C   A 1 8  ? 1.932   11.965  1.383   1.00 0.00 ? 8    C   A "H5''" 1 
ATOM   249 H  "H4'"  . C   A 1 8  ? 0.510   11.295  3.008   1.00 0.00 ? 8    C   A "H4'"  1 
ATOM   250 H  "H3'"  . C   A 1 8  ? 2.317   8.828   3.242   1.00 0.00 ? 8    C   A "H3'"  1 
ATOM   251 H  "H2'"  . C   A 1 8  ? 0.605   7.920   4.674   1.00 0.00 ? 8    C   A "H2'"  1 
ATOM   252 H  "HO2'" . C   A 1 8  ? -0.655  9.189   5.861   1.00 0.00 ? 8    C   A "HO2'" 1 
ATOM   253 H  "H1'"  . C   A 1 8  ? -1.565  8.984   3.242   1.00 0.00 ? 8    C   A "H1'"  1 
ATOM   254 H  H41    . C   A 1 8  ? -1.164  2.759   1.939   1.00 0.00 ? 8    C   A H41    1 
ATOM   255 H  H42    . C   A 1 8  ? -0.039  3.079   0.637   1.00 0.00 ? 8    C   A H42    1 
ATOM   256 H  H5     . C   A 1 8  ? 0.774   5.344   0.129   1.00 0.00 ? 8    C   A H5     1 
ATOM   257 H  H6     . C   A 1 8  ? 0.779   7.668   0.865   1.00 0.00 ? 8    C   A H6     1 
ATOM   258 P  P      . G   A 1 9  ? 3.628   10.115  5.200   1.00 0.00 ? 9    G   A P      1 
ATOM   259 O  OP1    . G   A 1 9  ? 4.118   11.351  5.846   1.00 0.00 ? 9    G   A OP1    1 
ATOM   260 O  OP2    . G   A 1 9  ? 4.426   9.476   4.129   1.00 0.00 ? 9    G   A OP2    1 
ATOM   261 O  "O5'"  . G   A 1 9  ? 3.356   9.018   6.346   1.00 0.00 ? 9    G   A "O5'"  1 
ATOM   262 C  "C5'"  . G   A 1 9  ? 3.224   9.419   7.711   1.00 0.00 ? 9    G   A "C5'"  1 
ATOM   263 C  "C4'"  . G   A 1 9  ? 2.445   8.391   8.529   1.00 0.00 ? 9    G   A "C4'"  1 
ATOM   264 O  "O4'"  . G   A 1 9  ? 1.441   7.783   7.709   1.00 0.00 ? 9    G   A "O4'"  1 
ATOM   265 C  "C3'"  . G   A 1 9  ? 3.259   7.210   9.017   1.00 0.00 ? 9    G   A "C3'"  1 
ATOM   266 O  "O3'"  . G   A 1 9  ? 3.821   7.569   10.283  1.00 0.00 ? 9    G   A "O3'"  1 
ATOM   267 C  "C2'"  . G   A 1 9  ? 2.188   6.166   9.275   1.00 0.00 ? 9    G   A "C2'"  1 
ATOM   268 O  "O2'"  . G   A 1 9  ? 1.530   6.413   10.520  1.00 0.00 ? 9    G   A "O2'"  1 
ATOM   269 C  "C1'"  . G   A 1 9  ? 1.235   6.413   8.104   1.00 0.00 ? 9    G   A "C1'"  1 
ATOM   270 N  N9     . G   A 1 9  ? 1.532   5.535   6.957   1.00 0.00 ? 9    G   A N9     1 
ATOM   271 C  C8     . G   A 1 9  ? 2.128   5.852   5.763   1.00 0.00 ? 9    G   A C8     1 
ATOM   272 N  N7     . G   A 1 9  ? 2.271   4.833   4.961   1.00 0.00 ? 9    G   A N7     1 
ATOM   273 C  C5     . G   A 1 9  ? 1.733   3.767   5.673   1.00 0.00 ? 9    G   A C5     1 
ATOM   274 C  C6     . G   A 1 9  ? 1.609   2.398   5.310   1.00 0.00 ? 9    G   A C6     1 
ATOM   275 O  O6     . G   A 1 9  ? 1.960   1.852   4.266   1.00 0.00 ? 9    G   A O6     1 
ATOM   276 N  N1     . G   A 1 9  ? 1.010   1.654   6.314   1.00 0.00 ? 9    G   A N1     1 
ATOM   277 C  C2     . G   A 1 9  ? 0.578   2.158   7.519   1.00 0.00 ? 9    G   A C2     1 
ATOM   278 N  N2     . G   A 1 9  ? 0.018   1.298   8.370   1.00 0.00 ? 9    G   A N2     1 
ATOM   279 N  N3     . G   A 1 9  ? 0.688   3.443   7.870   1.00 0.00 ? 9    G   A N3     1 
ATOM   280 C  C4     . G   A 1 9  ? 1.275   4.185   6.899   1.00 0.00 ? 9    G   A C4     1 
ATOM   281 H  "H5'"  . G   A 1 9  ? 2.706   10.378  7.751   1.00 0.00 ? 9    G   A "H5'"  1 
ATOM   282 H  "H5''" . G   A 1 9  ? 4.219   9.535   8.143   1.00 0.00 ? 9    G   A "H5''" 1 
ATOM   283 H  "H4'"  . G   A 1 9  ? 1.961   8.895   9.368   1.00 0.00 ? 9    G   A "H4'"  1 
ATOM   284 H  "H3'"  . G   A 1 9  ? 4.021   6.885   8.308   1.00 0.00 ? 9    G   A "H3'"  1 
ATOM   285 H  "H2'"  . G   A 1 9  ? 2.603   5.158   9.238   1.00 0.00 ? 9    G   A "H2'"  1 
ATOM   286 H  "HO2'" . G   A 1 9  ? 1.685   7.334   10.746  1.00 0.00 ? 9    G   A "HO2'" 1 
ATOM   287 H  "H1'"  . G   A 1 9  ? 0.197   6.275   8.408   1.00 0.00 ? 9    G   A "H1'"  1 
ATOM   288 H  H8     . G   A 1 9  ? 2.457   6.859   5.509   1.00 0.00 ? 9    G   A H8     1 
ATOM   289 H  H1     . G   A 1 9  ? 0.905   0.664   6.148   1.00 0.00 ? 9    G   A H1     1 
ATOM   290 H  H21    . G   A 1 9  ? -0.142  0.341   8.088   1.00 0.00 ? 9    G   A H21    1 
ATOM   291 H  H22    . G   A 1 9  ? -0.247  1.603   9.295   1.00 0.00 ? 9    G   A H22    1 
ATOM   292 P  P      . G   A 1 10 ? 5.361   7.232   10.612  1.00 0.00 ? 10   G   A P      1 
ATOM   293 O  OP1    . G   A 1 10 ? 5.717   7.894   11.888  1.00 0.00 ? 10   G   A OP1    1 
ATOM   294 O  OP2    . G   A 1 10 ? 6.163   7.493   9.397   1.00 0.00 ? 10   G   A OP2    1 
ATOM   295 O  "O5'"  . G   A 1 10 ? 5.327   5.642   10.863  1.00 0.00 ? 10   G   A "O5'"  1 
ATOM   296 C  "C5'"  . G   A 1 10 ? 5.150   5.122   12.182  1.00 0.00 ? 10   G   A "C5'"  1 
ATOM   297 C  "C4'"  . G   A 1 10 ? 4.447   3.765   12.166  1.00 0.00 ? 10   G   A "C4'"  1 
ATOM   298 O  "O4'"  . G   A 1 10 ? 3.558   3.694   11.045  1.00 0.00 ? 10   G   A "O4'"  1 
ATOM   299 C  "C3'"  . G   A 1 10 ? 5.356   2.570   11.960  1.00 0.00 ? 10   G   A "C3'"  1 
ATOM   300 O  "O3'"  . G   A 1 10 ? 5.830   2.157   13.242  1.00 0.00 ? 10   G   A "O3'"  1 
ATOM   301 C  "C2'"  . G   A 1 10 ? 4.380   1.517   11.470  1.00 0.00 ? 10   G   A "C2'"  1 
ATOM   302 O  "O2'"  . G   A 1 10 ? 3.609   0.997   12.557  1.00 0.00 ? 10   G   A "O2'"  1 
ATOM   303 C  "C1'"  . G   A 1 10 ? 3.503   2.346   10.536  1.00 0.00 ? 10   G   A "C1'"  1 
ATOM   304 N  N9     . G   A 1 10 ? 4.012   2.337   9.150   1.00 0.00 ? 10   G   A N9     1 
ATOM   305 C  C8     . G   A 1 10 ? 4.589   3.359   8.442   1.00 0.00 ? 10   G   A C8     1 
ATOM   306 N  N7     . G   A 1 10 ? 4.928   3.031   7.228   1.00 0.00 ? 10   G   A N7     1 
ATOM   307 C  C5     . G   A 1 10 ? 4.551   1.697   7.122   1.00 0.00 ? 10   G   A C5     1 
ATOM   308 C  C6     . G   A 1 10 ? 4.671   0.802   6.025   1.00 0.00 ? 10   G   A C6     1 
ATOM   309 O  O6     . G   A 1 10 ? 5.141   1.018   4.910   1.00 0.00 ? 10   G   A O6     1 
ATOM   310 N  N1     . G   A 1 10 ? 4.170   -0.452  6.335   1.00 0.00 ? 10   G   A N1     1 
ATOM   311 C  C2     . G   A 1 10 ? 3.624   -0.809  7.545   1.00 0.00 ? 10   G   A C2     1 
ATOM   312 N  N2     . G   A 1 10 ? 3.210   -2.070  7.672   1.00 0.00 ? 10   G   A N2     1 
ATOM   313 N  N3     . G   A 1 10 ? 3.503   0.025   8.582   1.00 0.00 ? 10   G   A N3     1 
ATOM   314 C  C4     . G   A 1 10 ? 3.988   1.259   8.297   1.00 0.00 ? 10   G   A C4     1 
ATOM   315 H  "H5'"  . G   A 1 10 ? 4.555   5.830   12.763  1.00 0.00 ? 10   G   A "H5'"  1 
ATOM   316 H  "H5''" . G   A 1 10 ? 6.127   5.010   12.652  1.00 0.00 ? 10   G   A "H5''" 1 
ATOM   317 H  "H4'"  . G   A 1 10 ? 3.869   3.649   13.085  1.00 0.00 ? 10   G   A "H4'"  1 
ATOM   318 H  "H3'"  . G   A 1 10 ? 6.173   2.761   11.264  1.00 0.00 ? 10   G   A "H3'"  1 
ATOM   319 H  "H2'"  . G   A 1 10 ? 4.891   0.723   10.930  1.00 0.00 ? 10   G   A "H2'"  1 
ATOM   320 H  "HO2'" . G   A 1 10 ? 4.201   0.904   13.307  1.00 0.00 ? 10   G   A "HO2'" 1 
ATOM   321 H  "H1'"  . G   A 1 10 ? 2.472   1.992   10.547  1.00 0.00 ? 10   G   A "H1'"  1 
ATOM   322 H  H8     . G   A 1 10 ? 4.767   4.347   8.862   1.00 0.00 ? 10   G   A H8     1 
ATOM   323 H  H1     . G   A 1 10 ? 4.192   -1.147  5.605   1.00 0.00 ? 10   G   A H1     1 
ATOM   324 H  H21    . G   A 1 10 ? 3.371   -2.733  6.924   1.00 0.00 ? 10   G   A H21    1 
ATOM   325 H  H22    . G   A 1 10 ? 2.742   -2.366  8.517   1.00 0.00 ? 10   G   A H22    1 
ATOM   326 P  P      . U   A 1 11 ? 7.347   1.645   13.415  1.00 0.00 ? 11   U   A P      1 
ATOM   327 O  OP1    . U   A 1 11 ? 7.577   1.361   14.849  1.00 0.00 ? 11   U   A OP1    1 
ATOM   328 O  OP2    . U   A 1 11 ? 8.237   2.583   12.696  1.00 0.00 ? 11   U   A OP2    1 
ATOM   329 O  "O5'"  . U   A 1 11 ? 7.338   0.247   12.618  1.00 0.00 ? 11   U   A "O5'"  1 
ATOM   330 C  "C5'"  . U   A 1 11 ? 7.210   -0.983  13.333  1.00 0.00 ? 11   U   A "C5'"  1 
ATOM   331 C  "C4'"  . U   A 1 11 ? 7.042   -2.177  12.398  1.00 0.00 ? 11   U   A "C4'"  1 
ATOM   332 O  "O4'"  . U   A 1 11 ? 6.186   -1.840  11.307  1.00 0.00 ? 11   U   A "O4'"  1 
ATOM   333 C  "C3'"  . U   A 1 11 ? 8.297   -2.647  11.710  1.00 0.00 ? 11   U   A "C3'"  1 
ATOM   334 O  "O3'"  . U   A 1 11 ? 8.970   -3.512  12.627  1.00 0.00 ? 11   U   A "O3'"  1 
ATOM   335 C  "C2'"  . U   A 1 11 ? 7.715   -3.502  10.593  1.00 0.00 ? 11   U   A "C2'"  1 
ATOM   336 O  "O2'"  . U   A 1 11 ? 7.313   -4.779  11.097  1.00 0.00 ? 11   U   A "O2'"  1 
ATOM   337 C  "C1'"  . U   A 1 11 ? 6.493   -2.680  10.178  1.00 0.00 ? 11   U   A "C1'"  1 
ATOM   338 N  N1     . U   A 1 11 ? 6.775   -1.833  8.999   1.00 0.00 ? 11   U   A N1     1 
ATOM   339 C  C2     . U   A 1 11 ? 6.845   -2.464  7.770   1.00 0.00 ? 11   U   A C2     1 
ATOM   340 O  O2     . U   A 1 11 ? 6.668   -3.674  7.639   1.00 0.00 ? 11   U   A O2     1 
ATOM   341 N  N3     . U   A 1 11 ? 7.124   -1.654  6.688   1.00 0.00 ? 11   U   A N3     1 
ATOM   342 C  C4     . U   A 1 11 ? 7.333   -0.288  6.725   1.00 0.00 ? 11   U   A C4     1 
ATOM   343 O  O4     . U   A 1 11 ? 7.573   0.326   5.688   1.00 0.00 ? 11   U   A O4     1 
ATOM   344 C  C5     . U   A 1 11 ? 7.242   0.299   8.043   1.00 0.00 ? 11   U   A C5     1 
ATOM   345 C  C6     . U   A 1 11 ? 6.971   -0.481  9.120   1.00 0.00 ? 11   U   A C6     1 
ATOM   346 H  "H5'"  . U   A 1 11 ? 6.341   -0.920  13.988  1.00 0.00 ? 11   U   A "H5'"  1 
ATOM   347 H  "H5''" . U   A 1 11 ? 8.102   -1.132  13.942  1.00 0.00 ? 11   U   A "H5''" 1 
ATOM   348 H  "H4'"  . U   A 1 11 ? 6.601   -2.999  12.950  1.00 0.00 ? 11   U   A "H4'"  1 
ATOM   349 H  "H3'"  . U   A 1 11 ? 8.936   -1.836  11.357  1.00 0.00 ? 11   U   A "H3'"  1 
ATOM   350 H  "H2'"  . U   A 1 11 ? 8.407   -3.606  9.765   1.00 0.00 ? 11   U   A "H2'"  1 
ATOM   351 H  "HO2'" . U   A 1 11 ? 6.584   -4.629  11.703  1.00 0.00 ? 11   U   A "HO2'" 1 
ATOM   352 H  "H1'"  . U   A 1 11 ? 5.643   -3.326  9.965   1.00 0.00 ? 11   U   A "H1'"  1 
ATOM   353 H  H3     . U   A 1 11 ? 7.202   -2.104  5.787   1.00 0.00 ? 11   U   A H3     1 
ATOM   354 H  H5     . U   A 1 11 ? 7.390   1.372   8.172   1.00 0.00 ? 11   U   A H5     1 
ATOM   355 H  H6     . U   A 1 11 ? 6.920   -0.023  10.106  1.00 0.00 ? 11   U   A H6     1 
ATOM   356 P  P      . C   A 1 12 ? 10.469  -3.180  13.113  1.00 0.00 ? 12   C   A P      1 
ATOM   357 O  OP1    . C   A 1 12 ? 10.623  -3.666  14.502  1.00 0.00 ? 12   C   A OP1    1 
ATOM   358 O  OP2    . C   A 1 12 ? 10.757  -1.765  12.790  1.00 0.00 ? 12   C   A OP2    1 
ATOM   359 O  "O5'"  . C   A 1 12 ? 11.363  -4.107  12.154  1.00 0.00 ? 12   C   A "O5'"  1 
ATOM   360 C  "C5'"  . C   A 1 12 ? 11.262  -5.528  12.228  1.00 0.00 ? 12   C   A "C5'"  1 
ATOM   361 C  "C4'"  . C   A 1 12 ? 11.717  -6.181  10.931  1.00 0.00 ? 12   C   A "C4'"  1 
ATOM   362 O  "O4'"  . C   A 1 12 ? 10.795  -5.861  9.890   1.00 0.00 ? 12   C   A "O4'"  1 
ATOM   363 C  "C3'"  . C   A 1 12 ? 13.038  -5.673  10.395  1.00 0.00 ? 12   C   A "C3'"  1 
ATOM   364 O  "O3'"  . C   A 1 12 ? 14.071  -6.471  10.975  1.00 0.00 ? 12   C   A "O3'"  1 
ATOM   365 C  "C2'"  . C   A 1 12 ? 12.958  -6.034  8.921   1.00 0.00 ? 12   C   A "C2'"  1 
ATOM   366 O  "O2'"  . C   A 1 12 ? 13.328  -7.399  8.720   1.00 0.00 ? 12   C   A "O2'"  1 
ATOM   367 C  "C1'"  . C   A 1 12 ? 11.471  -5.830  8.620   1.00 0.00 ? 12   C   A "C1'"  1 
ATOM   368 N  N1     . C   A 1 12 ? 11.212  -4.528  7.969   1.00 0.00 ? 12   C   A N1     1 
ATOM   369 C  C2     . C   A 1 12 ? 11.403  -4.453  6.595   1.00 0.00 ? 12   C   A C2     1 
ATOM   370 O  O2     . C   A 1 12 ? 11.761  -5.447  5.968   1.00 0.00 ? 12   C   A O2     1 
ATOM   371 N  N3     . C   A 1 12 ? 11.185  -3.267  5.966   1.00 0.00 ? 12   C   A N3     1 
ATOM   372 C  C4     . C   A 1 12 ? 10.792  -2.190  6.658   1.00 0.00 ? 12   C   A C4     1 
ATOM   373 N  N4     . C   A 1 12 ? 10.598  -1.057  5.982   1.00 0.00 ? 12   C   A N4     1 
ATOM   374 C  C5     . C   A 1 12 ? 10.591  -2.256  8.075   1.00 0.00 ? 12   C   A C5     1 
ATOM   375 C  C6     . C   A 1 12 ? 10.810  -3.437  8.688   1.00 0.00 ? 12   C   A C6     1 
ATOM   376 H  "H5'"  . C   A 1 12 ? 10.226  -5.803  12.423  1.00 0.00 ? 12   C   A "H5'"  1 
ATOM   377 H  "H5''" . C   A 1 12 ? 11.886  -5.887  13.046  1.00 0.00 ? 12   C   A "H5''" 1 
ATOM   378 H  "H4'"  . C   A 1 12 ? 11.744  -7.262  11.067  1.00 0.00 ? 12   C   A "H4'"  1 
ATOM   379 H  "H3'"  . C   A 1 12 ? 13.196  -4.609  10.573  1.00 0.00 ? 12   C   A "H3'"  1 
ATOM   380 H  "H2'"  . C   A 1 12 ? 13.576  -5.365  8.320   1.00 0.00 ? 12   C   A "H2'"  1 
ATOM   381 H  "HO2'" . C   A 1 12 ? 13.336  -7.823  9.581   1.00 0.00 ? 12   C   A "HO2'" 1 
ATOM   382 H  "H1'"  . C   A 1 12 ? 11.087  -6.633  7.990   1.00 0.00 ? 12   C   A "H1'"  1 
ATOM   383 H  H41    . C   A 1 12 ? 10.803  -1.016  4.991   1.00 0.00 ? 12   C   A H41    1 
ATOM   384 H  H42    . C   A 1 12 ? 10.245  -0.239  6.459   1.00 0.00 ? 12   C   A H42    1 
ATOM   385 H  H5     . C   A 1 12 ? 10.267  -1.386  8.646   1.00 0.00 ? 12   C   A H5     1 
ATOM   386 H  H6     . C   A 1 12 ? 10.663  -3.522  9.772   1.00 0.00 ? 12   C   A H6     1 
ATOM   387 P  P      . U   A 1 13 ? 15.447  -5.788  11.457  1.00 0.00 ? 13   U   A P      1 
ATOM   388 O  OP1    . U   A 1 13 ? 16.415  -6.865  11.764  1.00 0.00 ? 13   U   A OP1    1 
ATOM   389 O  OP2    . U   A 1 13 ? 15.125  -4.771  12.482  1.00 0.00 ? 13   U   A OP2    1 
ATOM   390 O  "O5'"  . U   A 1 13 ? 15.945  -5.028  10.127  1.00 0.00 ? 13   U   A "O5'"  1 
ATOM   391 C  "C5'"  . U   A 1 13 ? 16.954  -5.610  9.298   1.00 0.00 ? 13   U   A "C5'"  1 
ATOM   392 C  "C4'"  . U   A 1 13 ? 16.851  -5.120  7.854   1.00 0.00 ? 13   U   A "C4'"  1 
ATOM   393 O  "O4'"  . U   A 1 13 ? 15.477  -4.872  7.529   1.00 0.00 ? 13   U   A "O4'"  1 
ATOM   394 C  "C3'"  . U   A 1 13 ? 17.529  -3.791  7.581   1.00 0.00 ? 13   U   A "C3'"  1 
ATOM   395 O  "O3'"  . U   A 1 13 ? 18.902  -4.072  7.253   1.00 0.00 ? 13   U   A "O3'"  1 
ATOM   396 C  "C2'"  . U   A 1 13 ? 16.795  -3.308  6.343   1.00 0.00 ? 13   U   A "C2'"  1 
ATOM   397 O  "O2'"  . U   A 1 13 ? 17.241  -3.991  5.181   1.00 0.00 ? 13   U   A "O2'"  1 
ATOM   398 C  "C1'"  . U   A 1 13 ? 15.358  -3.716  6.677   1.00 0.00 ? 13   U   A "C1'"  1 
ATOM   399 N  N1     . U   A 1 13 ? 14.627  -2.659  7.414   1.00 0.00 ? 13   U   A N1     1 
ATOM   400 C  C2     . U   A 1 13 ? 14.116  -1.600  6.684   1.00 0.00 ? 13   U   A C2     1 
ATOM   401 O  O2     . U   A 1 13 ? 14.244  -1.515  5.464   1.00 0.00 ? 13   U   A O2     1 
ATOM   402 N  N3     . U   A 1 13 ? 13.445  -0.632  7.411   1.00 0.00 ? 13   U   A N3     1 
ATOM   403 C  C4     . U   A 1 13 ? 13.248  -0.633  8.779   1.00 0.00 ? 13   U   A C4     1 
ATOM   404 O  O4     . U   A 1 13 ? 12.633  0.288   9.312   1.00 0.00 ? 13   U   A O4     1 
ATOM   405 C  C5     . U   A 1 13 ? 13.812  -1.769  9.468   1.00 0.00 ? 13   U   A C5     1 
ATOM   406 C  C6     . U   A 1 13 ? 14.471  -2.729  8.774   1.00 0.00 ? 13   U   A C6     1 
ATOM   407 H  "H5'"  . U   A 1 13 ? 16.843  -6.695  9.318   1.00 0.00 ? 13   U   A "H5'"  1 
ATOM   408 H  "H5''" . U   A 1 13 ? 17.934  -5.346  9.693   1.00 0.00 ? 13   U   A "H5''" 1 
ATOM   409 H  "H4'"  . U   A 1 13 ? 17.239  -5.890  7.187   1.00 0.00 ? 13   U   A "H4'"  1 
ATOM   410 H  "H3'"  . U   A 1 13 ? 17.454  -3.097  8.418   1.00 0.00 ? 13   U   A "H3'"  1 
ATOM   411 H  "H2'"  . U   A 1 13 ? 16.884  -2.236  6.224   1.00 0.00 ? 13   U   A "H2'"  1 
ATOM   412 H  "HO2'" . U   A 1 13 ? 16.521  -3.971  4.544   1.00 0.00 ? 13   U   A "HO2'" 1 
ATOM   413 H  "H1'"  . U   A 1 13 ? 14.805  -3.984  5.776   1.00 0.00 ? 13   U   A "H1'"  1 
ATOM   414 H  H3     . U   A 1 13 ? 13.063  0.148   6.896   1.00 0.00 ? 13   U   A H3     1 
ATOM   415 H  H5     . U   A 1 13 ? 13.710  -1.854  10.550  1.00 0.00 ? 13   U   A H5     1 
ATOM   416 H  H6     . U   A 1 13 ? 14.881  -3.585  9.310   1.00 0.00 ? 13   U   A H6     1 
ATOM   417 P  P      . U   A 1 14 ? 20.052  -3.021  7.682   1.00 0.00 ? 14   U   A P      1 
ATOM   418 O  OP1    . U   A 1 14 ? 21.151  -3.782  8.318   1.00 0.00 ? 14   U   A OP1    1 
ATOM   419 O  OP2    . U   A 1 14 ? 19.403  -1.918  8.426   1.00 0.00 ? 14   U   A OP2    1 
ATOM   420 O  "O5'"  . U   A 1 14 ? 20.610  -2.417  6.286   1.00 0.00 ? 14   U   A "O5'"  1 
ATOM   421 C  "C5'"  . U   A 1 14 ? 21.941  -2.770  5.867   1.00 0.00 ? 14   U   A "C5'"  1 
ATOM   422 C  "C4'"  . U   A 1 14 ? 22.171  -2.691  4.351   1.00 0.00 ? 14   U   A "C4'"  1 
ATOM   423 O  "O4'"  . U   A 1 14 ? 21.809  -3.942  3.764   1.00 0.00 ? 14   U   A "O4'"  1 
ATOM   424 C  "C3'"  . U   A 1 14 ? 21.373  -1.632  3.590   1.00 0.00 ? 14   U   A "C3'"  1 
ATOM   425 O  "O3'"  . U   A 1 14 ? 22.227  -1.149  2.548   1.00 0.00 ? 14   U   A "O3'"  1 
ATOM   426 C  "C2'"  . U   A 1 14 ? 20.248  -2.404  2.919   1.00 0.00 ? 14   U   A "C2'"  1 
ATOM   427 O  "O2'"  . U   A 1 14 ? 19.900  -1.808  1.671   1.00 0.00 ? 14   U   A "O2'"  1 
ATOM   428 C  "C1'"  . U   A 1 14 ? 20.889  -3.768  2.688   1.00 0.00 ? 14   U   A "C1'"  1 
ATOM   429 N  N1     . U   A 1 14 ? 19.899  -4.872  2.757   1.00 0.00 ? 14   U   A N1     1 
ATOM   430 C  C2     . U   A 1 14 ? 19.751  -5.707  1.658   1.00 0.00 ? 14   U   A C2     1 
ATOM   431 O  O2     . U   A 1 14 ? 20.403  -5.560  0.626   1.00 0.00 ? 14   U   A O2     1 
ATOM   432 N  N3     . U   A 1 14 ? 18.820  -6.720  1.788   1.00 0.00 ? 14   U   A N3     1 
ATOM   433 C  C4     . U   A 1 14 ? 18.035  -6.967  2.899   1.00 0.00 ? 14   U   A C4     1 
ATOM   434 O  O4     . U   A 1 14 ? 17.242  -7.906  2.898   1.00 0.00 ? 14   U   A O4     1 
ATOM   435 C  C5     . U   A 1 14 ? 18.246  -6.050  3.997   1.00 0.00 ? 14   U   A C5     1 
ATOM   436 C  C6     . U   A 1 14 ? 19.156  -5.056  3.889   1.00 0.00 ? 14   U   A C6     1 
ATOM   437 H  "H5'"  . U   A 1 14 ? 22.152  -3.787  6.195   1.00 0.00 ? 14   U   A "H5'"  1 
ATOM   438 H  "H5''" . U   A 1 14 ? 22.643  -2.094  6.361   1.00 0.00 ? 14   U   A "H5''" 1 
ATOM   439 H  "H4'"  . U   A 1 14 ? 23.236  -2.534  4.176   1.00 0.00 ? 14   U   A "H4'"  1 
ATOM   440 H  "H3'"  . U   A 1 14 ? 21.016  -0.822  4.225   1.00 0.00 ? 14   U   A "H3'"  1 
ATOM   441 H  "H2'"  . U   A 1 14 ? 19.383  -2.473  3.569   1.00 0.00 ? 14   U   A "H2'"  1 
ATOM   442 H  "HO2'" . U   A 1 14 ? 18.983  -1.531  1.737   1.00 0.00 ? 14   U   A "HO2'" 1 
ATOM   443 H  "H1'"  . U   A 1 14 ? 21.432  -3.792  1.741   1.00 0.00 ? 14   U   A "H1'"  1 
ATOM   444 H  H3     . U   A 1 14 ? 18.702  -7.339  0.997   1.00 0.00 ? 14   U   A H3     1 
ATOM   445 H  H5     . U   A 1 14 ? 17.650  -6.135  4.906   1.00 0.00 ? 14   U   A H5     1 
ATOM   446 H  H6     . U   A 1 14 ? 19.293  -4.373  4.733   1.00 0.00 ? 14   U   A H6     1 
ATOM   447 P  P      . C   A 1 15 ? 22.003  0.310   1.911   1.00 0.00 ? 15   C   A P      1 
ATOM   448 O  OP1    . C   A 1 15 ? 22.434  0.272   0.495   1.00 0.00 ? 15   C   A OP1    1 
ATOM   449 O  OP2    . C   A 1 15 ? 22.578  1.311   2.836   1.00 0.00 ? 15   C   A OP2    1 
ATOM   450 O  "O5'"  . C   A 1 15 ? 20.402  0.459   1.950   1.00 0.00 ? 15   C   A "O5'"  1 
ATOM   451 C  "C5'"  . C   A 1 15 ? 19.652  0.625   0.747   1.00 0.00 ? 15   C   A "C5'"  1 
ATOM   452 C  "C4'"  . C   A 1 15 ? 18.378  1.419   1.013   1.00 0.00 ? 15   C   A "C4'"  1 
ATOM   453 O  "O4'"  . C   A 1 15 ? 17.896  1.091   2.329   1.00 0.00 ? 15   C   A "O4'"  1 
ATOM   454 C  "C3'"  . C   A 1 15 ? 18.593  2.928   1.060   1.00 0.00 ? 15   C   A "C3'"  1 
ATOM   455 O  "O3'"  . C   A 1 15 ? 17.313  3.566   0.917   1.00 0.00 ? 15   C   A "O3'"  1 
ATOM   456 C  "C2'"  . C   A 1 15 ? 19.019  3.133   2.501   1.00 0.00 ? 15   C   A "C2'"  1 
ATOM   457 O  "O2'"  . C   A 1 15 ? 18.849  4.494   2.905   1.00 0.00 ? 15   C   A "O2'"  1 
ATOM   458 C  "C1'"  . C   A 1 15 ? 18.031  2.224   3.204   1.00 0.00 ? 15   C   A "C1'"  1 
ATOM   459 N  N1     . C   A 1 15 ? 18.533  1.790   4.518   1.00 0.00 ? 15   C   A N1     1 
ATOM   460 C  C2     . C   A 1 15 ? 18.781  2.778   5.462   1.00 0.00 ? 15   C   A C2     1 
ATOM   461 O  O2     . C   A 1 15 ? 18.568  3.960   5.192   1.00 0.00 ? 15   C   A O2     1 
ATOM   462 N  N3     . C   A 1 15 ? 19.270  2.411   6.679   1.00 0.00 ? 15   C   A N3     1 
ATOM   463 C  C4     . C   A 1 15 ? 19.505  1.122   6.954   1.00 0.00 ? 15   C   A C4     1 
ATOM   464 N  N4     . C   A 1 15 ? 19.983  0.816   8.162   1.00 0.00 ? 15   C   A N4     1 
ATOM   465 C  C5     . C   A 1 15 ? 19.251  0.107   5.982   1.00 0.00 ? 15   C   A C5     1 
ATOM   466 C  C6     . C   A 1 15 ? 18.767  0.477   4.791   1.00 0.00 ? 15   C   A C6     1 
ATOM   467 H  "H5'"  . C   A 1 15 ? 19.392  -0.355  0.347   1.00 0.00 ? 15   C   A "H5'"  1 
ATOM   468 H  "H5''" . C   A 1 15 ? 20.261  1.160   0.016   1.00 0.00 ? 15   C   A "H5''" 1 
ATOM   469 H  "H4'"  . C   A 1 15 ? 17.626  1.146   0.275   1.00 0.00 ? 15   C   A "H4'"  1 
ATOM   470 H  "H3'"  . C   A 1 15 ? 19.319  3.290   0.332   1.00 0.00 ? 15   C   A "H3'"  1 
ATOM   471 H  "H2'"  . C   A 1 15 ? 20.041  2.787   2.671   1.00 0.00 ? 15   C   A "H2'"  1 
ATOM   472 H  "HO2'" . C   A 1 15 ? 18.039  4.812   2.505   1.00 0.00 ? 15   C   A "HO2'" 1 
ATOM   473 H  "H1'"  . C   A 1 15 ? 17.064  2.708   3.327   1.00 0.00 ? 15   C   A "H1'"  1 
ATOM   474 H  H41    . C   A 1 15 ? 20.230  1.550   8.810   1.00 0.00 ? 15   C   A H41    1 
ATOM   475 H  H42    . C   A 1 15 ? 20.099  -0.150  8.428   1.00 0.00 ? 15   C   A H42    1 
ATOM   476 H  H5     . C   A 1 15 ? 19.452  -0.933  6.183   1.00 0.00 ? 15   C   A H5     1 
ATOM   477 H  H6     . C   A 1 15 ? 18.552  -0.284  4.039   1.00 0.00 ? 15   C   A H6     1 
ATOM   478 P  P      . G   A 1 16 ? 16.428  3.384   -0.419  1.00 0.00 ? 16   G   A P      1 
ATOM   479 O  OP1    . G   A 1 16 ? 17.205  2.569   -1.380  1.00 0.00 ? 16   G   A OP1    1 
ATOM   480 O  OP2    . G   A 1 16 ? 15.911  4.711   -0.820  1.00 0.00 ? 16   G   A OP2    1 
ATOM   481 O  "O5'"  . G   A 1 16 ? 15.190  2.496   0.110   1.00 0.00 ? 16   G   A "O5'"  1 
ATOM   482 C  "C5'"  . G   A 1 16 ? 14.154  2.071   -0.785  1.00 0.00 ? 16   G   A "C5'"  1 
ATOM   483 C  "C4'"  . G   A 1 16 ? 14.704  1.193   -1.910  1.00 0.00 ? 16   G   A "C4'"  1 
ATOM   484 O  "O4'"  . G   A 1 16 ? 15.814  0.424   -1.422  1.00 0.00 ? 16   G   A "O4'"  1 
ATOM   485 C  "C3'"  . G   A 1 16 ? 13.753  0.128   -2.428  1.00 0.00 ? 16   G   A "C3'"  1 
ATOM   486 O  "O3'"  . G   A 1 16 ? 12.946  0.704   -3.460  1.00 0.00 ? 16   G   A "O3'"  1 
ATOM   487 C  "C2'"  . G   A 1 16 ? 14.709  -0.847  -3.085  1.00 0.00 ? 16   G   A "C2'"  1 
ATOM   488 O  "O2'"  . G   A 1 16 ? 15.163  -0.343  -4.343  1.00 0.00 ? 16   G   A "O2'"  1 
ATOM   489 C  "C1'"  . G   A 1 16 ? 15.845  -0.865  -2.068  1.00 0.00 ? 16   G   A "C1'"  1 
ATOM   490 N  N9     . G   A 1 16 ? 15.648  -1.920  -1.056  1.00 0.00 ? 16   G   A N9     1 
ATOM   491 C  C8     . G   A 1 16 ? 15.511  -3.269  -1.255  1.00 0.00 ? 16   G   A C8     1 
ATOM   492 N  N7     . G   A 1 16 ? 15.304  -3.944  -0.161  1.00 0.00 ? 16   G   A N7     1 
ATOM   493 C  C5     . G   A 1 16 ? 15.304  -2.976  0.835   1.00 0.00 ? 16   G   A C5     1 
ATOM   494 C  C6     . G   A 1 16 ? 15.124  -3.118  2.236   1.00 0.00 ? 16   G   A C6     1 
ATOM   495 O  O6     . G   A 1 16 ? 14.925  -4.145  2.879   1.00 0.00 ? 16   G   A O6     1 
ATOM   496 N  N1     . G   A 1 16 ? 15.194  -1.896  2.885   1.00 0.00 ? 16   G   A N1     1 
ATOM   497 C  C2     . G   A 1 16 ? 15.409  -0.684  2.270   1.00 0.00 ? 16   G   A C2     1 
ATOM   498 N  N2     . G   A 1 16 ? 15.446  0.392   3.054   1.00 0.00 ? 16   G   A N2     1 
ATOM   499 N  N3     . G   A 1 16 ? 15.580  -0.539  0.951   1.00 0.00 ? 16   G   A N3     1 
ATOM   500 C  C4     . G   A 1 16 ? 15.514  -1.727  0.300   1.00 0.00 ? 16   G   A C4     1 
ATOM   501 H  "H5'"  . G   A 1 16 ? 13.675  2.951   -1.217  1.00 0.00 ? 16   G   A "H5'"  1 
ATOM   502 H  "H5''" . G   A 1 16 ? 13.411  1.508   -0.218  1.00 0.00 ? 16   G   A "H5''" 1 
ATOM   503 H  "H4'"  . G   A 1 16 ? 15.048  1.830   -2.726  1.00 0.00 ? 16   G   A "H4'"  1 
ATOM   504 H  "H3'"  . G   A 1 16 ? 13.149  -0.326  -1.644  1.00 0.00 ? 16   G   A "H3'"  1 
ATOM   505 H  "H2'"  . G   A 1 16 ? 14.255  -1.833  -3.191  1.00 0.00 ? 16   G   A "H2'"  1 
ATOM   506 H  "HO2'" . G   A 1 16 ? 14.532  -0.626  -5.010  1.00 0.00 ? 16   G   A "HO2'" 1 
ATOM   507 H  "H1'"  . G   A 1 16 ? 16.809  -1.004  -2.557  1.00 0.00 ? 16   G   A "H1'"  1 
ATOM   508 H  H8     . G   A 1 16 ? 15.558  -3.733  -2.240  1.00 0.00 ? 16   G   A H8     1 
ATOM   509 H  H1     . G   A 1 16 ? 15.077  -1.905  3.887   1.00 0.00 ? 16   G   A H1     1 
ATOM   510 H  H21    . G   A 1 16 ? 15.391  0.288   4.057   1.00 0.00 ? 16   G   A H21    1 
ATOM   511 H  H22    . G   A 1 16 ? 15.529  1.312   2.646   1.00 0.00 ? 16   G   A H22    1 
ATOM   512 P  P      . G   A 1 17 ? 11.776  -0.168  -4.155  1.00 0.00 ? 17   G   A P      1 
ATOM   513 O  OP1    . G   A 1 17 ? 11.518  0.393   -5.500  1.00 0.00 ? 17   G   A OP1    1 
ATOM   514 O  OP2    . G   A 1 17 ? 10.665  -0.312  -3.187  1.00 0.00 ? 17   G   A OP2    1 
ATOM   515 O  "O5'"  . G   A 1 17 ? 12.480  -1.608  -4.333  1.00 0.00 ? 17   G   A "O5'"  1 
ATOM   516 C  "C5'"  . G   A 1 17 ? 11.876  -2.662  -5.094  1.00 0.00 ? 17   G   A "C5'"  1 
ATOM   517 C  "C4'"  . G   A 1 17 ? 11.462  -3.840  -4.203  1.00 0.00 ? 17   G   A "C4'"  1 
ATOM   518 O  "O4'"  . G   A 1 17 ? 12.281  -3.850  -3.023  1.00 0.00 ? 17   G   A "O4'"  1 
ATOM   519 C  "C3'"  . G   A 1 17 ? 10.056  -3.779  -3.638  1.00 0.00 ? 17   G   A "C3'"  1 
ATOM   520 O  "O3'"  . G   A 1 17 ? 9.183   -4.396  -4.586  1.00 0.00 ? 17   G   A "O3'"  1 
ATOM   521 C  "C2'"  . G   A 1 17 ? 10.156  -4.713  -2.445  1.00 0.00 ? 17   G   A "C2'"  1 
ATOM   522 O  "O2'"  . G   A 1 17 ? 10.113  -6.079  -2.868  1.00 0.00 ? 17   G   A "O2'"  1 
ATOM   523 C  "C1'"  . G   A 1 17 ? 11.539  -4.361  -1.898  1.00 0.00 ? 17   G   A "C1'"  1 
ATOM   524 N  N9     . G   A 1 17 ? 11.462  -3.325  -0.847  1.00 0.00 ? 17   G   A N9     1 
ATOM   525 C  C8     . G   A 1 17 ? 11.192  -1.988  -0.984  1.00 0.00 ? 17   G   A C8     1 
ATOM   526 N  N7     . G   A 1 17 ? 11.131  -1.344  0.148   1.00 0.00 ? 17   G   A N7     1 
ATOM   527 C  C5     . G   A 1 17 ? 11.380  -2.320  1.105   1.00 0.00 ? 17   G   A C5     1 
ATOM   528 C  C6     . G   A 1 17 ? 11.441  -2.213  2.523   1.00 0.00 ? 17   G   A C6     1 
ATOM   529 O  O6     . G   A 1 17 ? 11.275  -1.214  3.223   1.00 0.00 ? 17   G   A O6     1 
ATOM   530 N  N1     . G   A 1 17 ? 11.715  -3.434  3.114   1.00 0.00 ? 17   G   A N1     1 
ATOM   531 C  C2     . G   A 1 17 ? 11.914  -4.614  2.436   1.00 0.00 ? 17   G   A C2     1 
ATOM   532 N  N2     . G   A 1 17 ? 12.185  -5.690  3.171   1.00 0.00 ? 17   G   A N2     1 
ATOM   533 N  N3     . G   A 1 17 ? 11.860  -4.728  1.105   1.00 0.00 ? 17   G   A N3     1 
ATOM   534 C  C4     . G   A 1 17 ? 11.588  -3.541  0.507   1.00 0.00 ? 17   G   A C4     1 
ATOM   535 H  "H5'"  . G   A 1 17 ? 12.591  -3.008  -5.843  1.00 0.00 ? 17   G   A "H5'"  1 
ATOM   536 H  "H5''" . G   A 1 17 ? 10.992  -2.275  -5.603  1.00 0.00 ? 17   G   A "H5''" 1 
ATOM   537 H  "H4'"  . G   A 1 17 ? 11.613  -4.773  -4.747  1.00 0.00 ? 17   G   A "H4'"  1 
ATOM   538 H  "H3'"  . G   A 1 17 ? 9.730   -2.774  -3.380  1.00 0.00 ? 17   G   A "H3'"  1 
ATOM   539 H  "H2'"  . G   A 1 17 ? 9.379   -4.502  -1.713  1.00 0.00 ? 17   G   A "H2'"  1 
ATOM   540 H  "HO2'" . G   A 1 17 ? 10.991  -6.445  -2.735  1.00 0.00 ? 17   G   A "HO2'" 1 
ATOM   541 H  "H1'"  . G   A 1 17 ? 12.040  -5.244  -1.501  1.00 0.00 ? 17   G   A "H1'"  1 
ATOM   542 H  H8     . G   A 1 17 ? 11.035  -1.511  -1.947  1.00 0.00 ? 17   G   A H8     1 
ATOM   543 H  H1     . G   A 1 17 ? 11.744  -3.456  4.124   1.00 0.00 ? 17   G   A H1     1 
ATOM   544 H  H21    . G   A 1 17 ? 12.258  -5.609  4.174   1.00 0.00 ? 17   G   A H21    1 
ATOM   545 H  H22    . G   A 1 17 ? 12.319  -6.587  2.725   1.00 0.00 ? 17   G   A H22    1 
ATOM   546 P  P      . A   A 1 18 ? 7.598   -4.116  -4.528  1.00 0.00 ? 18   A   A P      1 
ATOM   547 O  OP1    . A   A 1 18 ? 6.949   -4.901  -5.601  1.00 0.00 ? 18   A   A OP1    1 
ATOM   548 O  OP2    . A   A 1 18 ? 7.390   -2.653  -4.455  1.00 0.00 ? 18   A   A OP2    1 
ATOM   549 O  "O5'"  . A   A 1 18 ? 7.181   -4.757  -3.111  1.00 0.00 ? 18   A   A "O5'"  1 
ATOM   550 C  "C5'"  . A   A 1 18 ? 6.974   -6.166  -2.992  1.00 0.00 ? 18   A   A "C5'"  1 
ATOM   551 C  "C4'"  . A   A 1 18 ? 7.019   -6.627  -1.538  1.00 0.00 ? 18   A   A "C4'"  1 
ATOM   552 O  "O4'"  . A   A 1 18 ? 8.085   -5.970  -0.850  1.00 0.00 ? 18   A   A "O4'"  1 
ATOM   553 C  "C3'"  . A   A 1 18 ? 5.808   -6.268  -0.705  1.00 0.00 ? 18   A   A "C3'"  1 
ATOM   554 O  "O3'"  . A   A 1 18 ? 4.836   -7.299  -0.890  1.00 0.00 ? 18   A   A "O3'"  1 
ATOM   555 C  "C2'"  . A   A 1 18 ? 6.345   -6.397  0.710   1.00 0.00 ? 18   A   A "C2'"  1 
ATOM   556 O  "O2'"  . A   A 1 18 ? 6.353   -7.767  1.121   1.00 0.00 ? 18   A   A "O2'"  1 
ATOM   557 C  "C1'"  . A   A 1 18 ? 7.775   -5.875  0.555   1.00 0.00 ? 18   A   A "C1'"  1 
ATOM   558 N  N9     . A   A 1 18 ? 7.905   -4.469  0.988   1.00 0.00 ? 18   A   A N9     1 
ATOM   559 C  C8     . A   A 1 18 ? 7.796   -3.319  0.243   1.00 0.00 ? 18   A   A C8     1 
ATOM   560 N  N7     . A   A 1 18 ? 7.959   -2.228  0.938   1.00 0.00 ? 18   A   A N7     1 
ATOM   561 C  C5     . A   A 1 18 ? 8.191   -2.688  2.231   1.00 0.00 ? 18   A   A C5     1 
ATOM   562 C  C6     . A   A 1 18 ? 8.439   -2.027  3.445   1.00 0.00 ? 18   A   A C6     1 
ATOM   563 N  N6     . A   A 1 18 ? 8.498   -0.700  3.562   1.00 0.00 ? 18   A   A N6     1 
ATOM   564 N  N1     . A   A 1 18 ? 8.625   -2.781  4.540   1.00 0.00 ? 18   A   A N1     1 
ATOM   565 C  C2     . A   A 1 18 ? 8.568   -4.104  4.432   1.00 0.00 ? 18   A   A C2     1 
ATOM   566 N  N3     . A   A 1 18 ? 8.343   -4.841  3.354   1.00 0.00 ? 18   A   A N3     1 
ATOM   567 C  C4     . A   A 1 18 ? 8.161   -4.052  2.274   1.00 0.00 ? 18   A   A C4     1 
ATOM   568 H  "H5'"  . A   A 1 18 ? 7.751   -6.687  -3.553  1.00 0.00 ? 18   A   A "H5'"  1 
ATOM   569 H  "H5''" . A   A 1 18 ? 6.002   -6.419  -3.414  1.00 0.00 ? 18   A   A "H5''" 1 
ATOM   570 H  "H4'"  . A   A 1 18 ? 7.193   -7.704  -1.514  1.00 0.00 ? 18   A   A "H4'"  1 
ATOM   571 H  "H3'"  . A   A 1 18 ? 5.405   -5.280  -0.929  1.00 0.00 ? 18   A   A "H3'"  1 
ATOM   572 H  "H2'"  . A   A 1 18 ? 5.783   -5.780  1.404   1.00 0.00 ? 18   A   A "H2'"  1 
ATOM   573 H  "HO2'" . A   A 1 18 ? 7.222   -8.121  0.917   1.00 0.00 ? 18   A   A "HO2'" 1 
ATOM   574 H  "H1'"  . A   A 1 18 ? 8.472   -6.489  1.121   1.00 0.00 ? 18   A   A "H1'"  1 
ATOM   575 H  H8     . A   A 1 18 ? 7.592   -3.318  -0.827  1.00 0.00 ? 18   A   A H8     1 
ATOM   576 H  H61    . A   A 1 18 ? 8.651   -0.280  4.468   1.00 0.00 ? 18   A   A H61    1 
ATOM   577 H  H62    . A   A 1 18 ? 8.391   -0.115  2.745   1.00 0.00 ? 18   A   A H62    1 
ATOM   578 H  H2     . A   A 1 18 ? 8.725   -4.660  5.359   1.00 0.00 ? 18   A   A H2     1 
ATOM   579 P  P      . C   A 1 19 ? 3.266   -6.950  -0.854  1.00 0.00 ? 19   C   A P      1 
ATOM   580 O  OP1    . C   A 1 19 ? 2.515   -8.143  -1.305  1.00 0.00 ? 19   C   A OP1    1 
ATOM   581 O  OP2    . C   A 1 19 ? 3.063   -5.650  -1.532  1.00 0.00 ? 19   C   A OP2    1 
ATOM   582 O  "O5'"  . C   A 1 19 ? 2.988   -6.745  0.719   1.00 0.00 ? 19   C   A "O5'"  1 
ATOM   583 C  "C5'"  . C   A 1 19 ? 2.639   -7.861  1.540   1.00 0.00 ? 19   C   A "C5'"  1 
ATOM   584 C  "C4'"  . C   A 1 19 ? 3.015   -7.628  3.003   1.00 0.00 ? 19   C   A "C4'"  1 
ATOM   585 O  "O4'"  . C   A 1 19 ? 4.212   -6.846  3.076   1.00 0.00 ? 19   C   A "O4'"  1 
ATOM   586 C  "C3'"  . C   A 1 19 ? 2.016   -6.820  3.800   1.00 0.00 ? 19   C   A "C3'"  1 
ATOM   587 O  "O3'"  . C   A 1 19 ? 1.057   -7.741  4.327   1.00 0.00 ? 19   C   A "O3'"  1 
ATOM   588 C  "C2'"  . C   A 1 19 ? 2.872   -6.329  4.956   1.00 0.00 ? 19   C   A "C2'"  1 
ATOM   589 O  "O2'"  . C   A 1 19 ? 3.080   -7.374  5.909   1.00 0.00 ? 19   C   A "O2'"  1 
ATOM   590 C  "C1'"  . C   A 1 19 ? 4.176   -5.990  4.235   1.00 0.00 ? 19   C   A "C1'"  1 
ATOM   591 N  N1     . C   A 1 19 ? 4.219   -4.579  3.792   1.00 0.00 ? 19   C   A N1     1 
ATOM   592 C  C2     . C   A 1 19 ? 4.562   -3.620  4.734   1.00 0.00 ? 19   C   A C2     1 
ATOM   593 O  O2     . C   A 1 19 ? 4.799   -3.947  5.895   1.00 0.00 ? 19   C   A O2     1 
ATOM   594 N  N3     . C   A 1 19 ? 4.616   -2.314  4.347   1.00 0.00 ? 19   C   A N3     1 
ATOM   595 C  C4     . C   A 1 19 ? 4.343   -1.962  3.085   1.00 0.00 ? 19   C   A C4     1 
ATOM   596 N  N4     . C   A 1 19 ? 4.416   -0.668  2.770   1.00 0.00 ? 19   C   A N4     1 
ATOM   597 C  C5     . C   A 1 19 ? 3.986   -2.944  2.109   1.00 0.00 ? 19   C   A C5     1 
ATOM   598 C  C6     . C   A 1 19 ? 3.936   -4.232  2.501   1.00 0.00 ? 19   C   A C6     1 
ATOM   599 H  "H5'"  . C   A 1 19 ? 3.161   -8.747  1.173   1.00 0.00 ? 19   C   A "H5'"  1 
ATOM   600 H  "H5''" . C   A 1 19 ? 1.564   -8.029  1.473   1.00 0.00 ? 19   C   A "H5''" 1 
ATOM   601 H  "H4'"  . C   A 1 19 ? 3.190   -8.589  3.484   1.00 0.00 ? 19   C   A "H4'"  1 
ATOM   602 H  "H3'"  . C   A 1 19 ? 1.548   -6.017  3.230   1.00 0.00 ? 19   C   A "H3'"  1 
ATOM   603 H  "H2'"  . C   A 1 19 ? 2.446   -5.447  5.424   1.00 0.00 ? 19   C   A "H2'"  1 
ATOM   604 H  "HO2'" . C   A 1 19 ? 2.288   -7.431  6.447   1.00 0.00 ? 19   C   A "HO2'" 1 
ATOM   605 H  "H1'"  . C   A 1 19 ? 5.039   -6.201  4.867   1.00 0.00 ? 19   C   A "H1'"  1 
ATOM   606 H  H41    . C   A 1 19 ? 4.645   0.012   3.481   1.00 0.00 ? 19   C   A H41    1 
ATOM   607 H  H42    . C   A 1 19 ? 4.241   -0.369  1.822   1.00 0.00 ? 19   C   A H42    1 
ATOM   608 H  H5     . C   A 1 19 ? 3.760   -2.670  1.078   1.00 0.00 ? 19   C   A H5     1 
ATOM   609 H  H6     . C   A 1 19 ? 3.662   -5.003  1.783   1.00 0.00 ? 19   C   A H6     1 
ATOM   610 P  P      . C   A 1 20 ? -0.510  -7.570  3.992   1.00 0.00 ? 20   C   A P      1 
ATOM   611 O  OP1    . C   A 1 20 ? -1.180  -8.866  4.235   1.00 0.00 ? 20   C   A OP1    1 
ATOM   612 O  OP2    . C   A 1 20 ? -0.631  -6.914  2.670   1.00 0.00 ? 20   C   A OP2    1 
ATOM   613 O  "O5'"  . C   A 1 20 ? -1.002  -6.531  5.115   1.00 0.00 ? 20   C   A "O5'"  1 
ATOM   614 C  "C5'"  . C   A 1 20 ? -1.651  -7.000  6.298   1.00 0.00 ? 20   C   A "C5'"  1 
ATOM   615 C  "C4'"  . C   A 1 20 ? -1.421  -6.054  7.470   1.00 0.00 ? 20   C   A "C4'"  1 
ATOM   616 O  "O4'"  . C   A 1 20 ? -0.090  -5.527  7.398   1.00 0.00 ? 20   C   A "O4'"  1 
ATOM   617 C  "C3'"  . C   A 1 20 ? -2.297  -4.814  7.470   1.00 0.00 ? 20   C   A "C3'"  1 
ATOM   618 O  "O3'"  . C   A 1 20 ? -3.482  -5.123  8.209   1.00 0.00 ? 20   C   A "O3'"  1 
ATOM   619 C  "C2'"  . C   A 1 20 ? -1.482  -3.841  8.299   1.00 0.00 ? 20   C   A "C2'"  1 
ATOM   620 O  "O2'"  . C   A 1 20 ? -1.607  -4.138  9.692   1.00 0.00 ? 20   C   A "O2'"  1 
ATOM   621 C  "C1'"  . C   A 1 20 ? -0.069  -4.147  7.809   1.00 0.00 ? 20   C   A "C1'"  1 
ATOM   622 N  N1     . C   A 1 20 ? 0.309   -3.304  6.652   1.00 0.00 ? 20   C   A N1     1 
ATOM   623 C  C2     . C   A 1 20 ? 0.567   -1.964  6.898   1.00 0.00 ? 20   C   A C2     1 
ATOM   624 O  O2     . C   A 1 20 ? 0.483   -1.517  8.040   1.00 0.00 ? 20   C   A O2     1 
ATOM   625 N  N3     . C   A 1 20 ? 0.913   -1.163  5.852   1.00 0.00 ? 20   C   A N3     1 
ATOM   626 C  C4     . C   A 1 20 ? 1.003   -1.658  4.612   1.00 0.00 ? 20   C   A C4     1 
ATOM   627 N  N4     . C   A 1 20 ? 1.351   -0.823  3.632   1.00 0.00 ? 20   C   A N4     1 
ATOM   628 C  C5     . C   A 1 20 ? 0.738   -3.038  4.350   1.00 0.00 ? 20   C   A C5     1 
ATOM   629 C  C6     . C   A 1 20 ? 0.397   -3.821  5.390   1.00 0.00 ? 20   C   A C6     1 
ATOM   630 H  "H5'"  . C   A 1 20 ? -1.259  -7.986  6.551   1.00 0.00 ? 20   C   A "H5'"  1 
ATOM   631 H  "H5''" . C   A 1 20 ? -2.721  -7.081  6.109   1.00 0.00 ? 20   C   A "H5''" 1 
ATOM   632 H  "H4'"  . C   A 1 20 ? -1.536  -6.605  8.404   1.00 0.00 ? 20   C   A "H4'"  1 
ATOM   633 H  "H3'"  . C   A 1 20 ? -2.524  -4.446  6.470   1.00 0.00 ? 20   C   A "H3'"  1 
ATOM   634 H  "H2'"  . C   A 1 20 ? -1.758  -2.810  8.086   1.00 0.00 ? 20   C   A "H2'"  1 
ATOM   635 H  "HO2'" . C   A 1 20 ? -1.783  -5.078  9.769   1.00 0.00 ? 20   C   A "HO2'" 1 
ATOM   636 H  "H1'"  . C   A 1 20 ? 0.661   -4.016  8.607   1.00 0.00 ? 20   C   A "H1'"  1 
ATOM   637 H  H41    . C   A 1 20 ? 1.560   0.143   3.841   1.00 0.00 ? 20   C   A H41    1 
ATOM   638 H  H42    . C   A 1 20 ? 1.406   -1.158  2.680   1.00 0.00 ? 20   C   A H42    1 
ATOM   639 H  H5     . C   A 1 20 ? 0.808   -3.453  3.343   1.00 0.00 ? 20   C   A H5     1 
ATOM   640 H  H6     . C   A 1 20 ? 0.199   -4.883  5.224   1.00 0.00 ? 20   C   A H6     1 
ATOM   641 P  P      . G   A 1 21 ? -4.928  -4.705  7.636   1.00 0.00 ? 21   G   A P      1 
ATOM   642 O  OP1    . G   A 1 21 ? -5.959  -5.453  8.389   1.00 0.00 ? 21   G   A OP1    1 
ATOM   643 O  OP2    . G   A 1 21 ? -4.884  -4.791  6.159   1.00 0.00 ? 21   G   A OP2    1 
ATOM   644 O  "O5'"  . G   A 1 21 ? -5.031  -3.151  8.048   1.00 0.00 ? 21   G   A "O5'"  1 
ATOM   645 C  "C5'"  . G   A 1 21 ? -4.920  -2.761  9.418   1.00 0.00 ? 21   G   A "C5'"  1 
ATOM   646 C  "C4'"  . G   A 1 21 ? -4.811  -1.248  9.574   1.00 0.00 ? 21   G   A "C4'"  1 
ATOM   647 O  "O4'"  . G   A 1 21 ? -3.478  -0.823  9.267   1.00 0.00 ? 21   G   A "O4'"  1 
ATOM   648 C  "C3'"  . G   A 1 21 ? -5.660  -0.430  8.629   1.00 0.00 ? 21   G   A "C3'"  1 
ATOM   649 O  "O3'"  . G   A 1 21 ? -6.951  -0.295  9.228   1.00 0.00 ? 21   G   A "O3'"  1 
ATOM   650 C  "C2'"  . G   A 1 21 ? -4.968  0.921   8.702   1.00 0.00 ? 21   G   A "C2'"  1 
ATOM   651 O  "O2'"  . G   A 1 21 ? -5.294  1.592   9.922   1.00 0.00 ? 21   G   A "O2'"  1 
ATOM   652 C  "C1'"  . G   A 1 21 ? -3.502  0.497   8.693   1.00 0.00 ? 21   G   A "C1'"  1 
ATOM   653 N  N9     . G   A 1 21 ? -2.968  0.435   7.320   1.00 0.00 ? 21   G   A N9     1 
ATOM   654 C  C8     . G   A 1 21 ? -2.915  -0.639  6.472   1.00 0.00 ? 21   G   A C8     1 
ATOM   655 N  N7     . G   A 1 21 ? -2.438  -0.354  5.293   1.00 0.00 ? 21   G   A N7     1 
ATOM   656 C  C5     . G   A 1 21 ? -2.154  1.004   5.364   1.00 0.00 ? 21   G   A C5     1 
ATOM   657 C  C6     . G   A 1 21 ? -1.615  1.876   4.380   1.00 0.00 ? 21   G   A C6     1 
ATOM   658 O  O6     . G   A 1 21 ? -1.274  1.607   3.230   1.00 0.00 ? 21   G   A O6     1 
ATOM   659 N  N1     . G   A 1 21 ? -1.492  3.172   4.855   1.00 0.00 ? 21   G   A N1     1 
ATOM   660 C  C2     . G   A 1 21 ? -1.835  3.583   6.123   1.00 0.00 ? 21   G   A C2     1 
ATOM   661 N  N2     . G   A 1 21 ? -1.637  4.869   6.417   1.00 0.00 ? 21   G   A N2     1 
ATOM   662 N  N3     . G   A 1 21 ? -2.342  2.773   7.058   1.00 0.00 ? 21   G   A N3     1 
ATOM   663 C  C4     . G   A 1 21 ? -2.473  1.500   6.605   1.00 0.00 ? 21   G   A C4     1 
ATOM   664 H  "H5'"  . G   A 1 21 ? -4.033  -3.226  9.848   1.00 0.00 ? 21   G   A "H5'"  1 
ATOM   665 H  "H5''" . G   A 1 21 ? -5.800  -3.110  9.958   1.00 0.00 ? 21   G   A "H5''" 1 
ATOM   666 H  "H4'"  . G   A 1 21 ? -5.040  -0.981  10.602  1.00 0.00 ? 21   G   A "H4'"  1 
ATOM   667 H  "H3'"  . G   A 1 21 ? -5.712  -0.841  7.620   1.00 0.00 ? 21   G   A "H3'"  1 
ATOM   668 H  "H2'"  . G   A 1 21 ? -5.197  1.536   7.838   1.00 0.00 ? 21   G   A "H2'"  1 
ATOM   669 H  "HO2'" . G   A 1 21 ? -6.148  2.012   9.796   1.00 0.00 ? 21   G   A "HO2'" 1 
ATOM   670 H  "H1'"  . G   A 1 21 ? -2.893  1.171   9.293   1.00 0.00 ? 21   G   A "H1'"  1 
ATOM   671 H  H8     . G   A 1 21 ? -3.256  -1.635  6.750   1.00 0.00 ? 21   G   A H8     1 
ATOM   672 H  H1     . G   A 1 21 ? -1.175  3.870   4.199   1.00 0.00 ? 21   G   A H1     1 
ATOM   673 H  H21    . G   A 1 21 ? -1.263  5.494   5.717   1.00 0.00 ? 21   G   A H21    1 
ATOM   674 H  H22    . G   A 1 21 ? -1.860  5.217   7.338   1.00 0.00 ? 21   G   A H22    1 
ATOM   675 P  P      . G   A 1 22 ? -8.270  -0.785  8.444   1.00 0.00 ? 22   G   A P      1 
ATOM   676 O  OP1    . G   A 1 22 ? -9.234  -1.304  9.440   1.00 0.00 ? 22   G   A OP1    1 
ATOM   677 O  OP2    . G   A 1 22 ? -7.844  -1.641  7.314   1.00 0.00 ? 22   G   A OP2    1 
ATOM   678 O  "O5'"  . G   A 1 22 ? -8.857  0.587   7.845   1.00 0.00 ? 22   G   A "O5'"  1 
ATOM   679 C  "C5'"  . G   A 1 22 ? -9.802  1.355   8.590   1.00 0.00 ? 22   G   A "C5'"  1 
ATOM   680 C  "C4'"  . G   A 1 22 ? -9.782  2.820   8.173   1.00 0.00 ? 22   G   A "C4'"  1 
ATOM   681 O  "O4'"  . G   A 1 22 ? -8.425  3.276   8.113   1.00 0.00 ? 22   G   A "O4'"  1 
ATOM   682 C  "C3'"  . G   A 1 22 ? -10.319 3.095   6.781   1.00 0.00 ? 22   G   A "C3'"  1 
ATOM   683 O  "O3'"  . G   A 1 22 ? -11.717 3.364   6.906   1.00 0.00 ? 22   G   A "O3'"  1 
ATOM   684 C  "C2'"  . G   A 1 22 ? -9.636  4.401   6.417   1.00 0.00 ? 22   G   A "C2'"  1 
ATOM   685 O  "O2'"  . G   A 1 22 ? -10.294 5.505   7.043   1.00 0.00 ? 22   G   A "O2'"  1 
ATOM   686 C  "C1'"  . G   A 1 22 ? -8.247  4.191   7.017   1.00 0.00 ? 22   G   A "C1'"  1 
ATOM   687 N  N9     . G   A 1 22 ? -7.309  3.599   6.044   1.00 0.00 ? 22   G   A N9     1 
ATOM   688 C  C8     . G   A 1 22 ? -6.861  2.303   5.958   1.00 0.00 ? 22   G   A C8     1 
ATOM   689 N  N7     . G   A 1 22 ? -6.033  2.102   4.969   1.00 0.00 ? 22   G   A N7     1 
ATOM   690 C  C5     . G   A 1 22 ? -5.922  3.349   4.361   1.00 0.00 ? 22   G   A C5     1 
ATOM   691 C  C6     . G   A 1 22 ? -5.157  3.752   3.229   1.00 0.00 ? 22   G   A C6     1 
ATOM   692 O  O6     . G   A 1 22 ? -4.412  3.070   2.527   1.00 0.00 ? 22   G   A O6     1 
ATOM   693 N  N1     . G   A 1 22 ? -5.329  5.098   2.949   1.00 0.00 ? 22   G   A N1     1 
ATOM   694 C  C2     . G   A 1 22 ? -6.136  5.957   3.661   1.00 0.00 ? 22   G   A C2     1 
ATOM   695 N  N2     . G   A 1 22 ? -6.185  7.223   3.249   1.00 0.00 ? 22   G   A N2     1 
ATOM   696 N  N3     . G   A 1 22 ? -6.858  5.590   4.723   1.00 0.00 ? 22   G   A N3     1 
ATOM   697 C  C4     . G   A 1 22 ? -6.701  4.275   5.013   1.00 0.00 ? 22   G   A C4     1 
ATOM   698 H  "H5'"  . G   A 1 22 ? -9.562  1.284   9.650   1.00 0.00 ? 22   G   A "H5'"  1 
ATOM   699 H  "H5''" . G   A 1 22 ? -10.801 0.951   8.423   1.00 0.00 ? 22   G   A "H5''" 1 
ATOM   700 H  "H4'"  . G   A 1 22 ? -10.322 3.407   8.916   1.00 0.00 ? 22   G   A "H4'"  1 
ATOM   701 H  "H3'"  . G   A 1 22 ? -10.121 2.290   6.074   1.00 0.00 ? 22   G   A "H3'"  1 
ATOM   702 H  "H2'"  . G   A 1 22 ? -9.582  4.530   5.337   1.00 0.00 ? 22   G   A "H2'"  1 
ATOM   703 H  "HO2'" . G   A 1 22 ? -9.615  6.050   7.448   1.00 0.00 ? 22   G   A "HO2'" 1 
ATOM   704 H  "H1'"  . G   A 1 22 ? -7.837  5.129   7.390   1.00 0.00 ? 22   G   A "H1'"  1 
ATOM   705 H  H8     . G   A 1 22 ? -7.161  1.515   6.656   1.00 0.00 ? 22   G   A H8     1 
ATOM   706 H  H1     . G   A 1 22 ? -4.814  5.474   2.166   1.00 0.00 ? 22   G   A H1     1 
ATOM   707 H  H21    . G   A 1 22 ? -5.646  7.515   2.447   1.00 0.00 ? 22   G   A H21    1 
ATOM   708 H  H22    . G   A 1 22 ? -6.762  7.892   3.739   1.00 0.00 ? 22   G   A H22    1 
ATOM   709 P  P      . C   A 1 23 ? -12.757 2.777   5.825   1.00 0.00 ? 23   C   A P      1 
ATOM   710 O  OP1    . C   A 1 23 ? -14.129 3.079   6.291   1.00 0.00 ? 23   C   A OP1    1 
ATOM   711 O  OP2    . C   A 1 23 ? -12.371 1.382   5.520   1.00 0.00 ? 23   C   A OP2    1 
ATOM   712 O  "O5'"  . C   A 1 23 ? -12.457 3.678   4.525   1.00 0.00 ? 23   C   A "O5'"  1 
ATOM   713 C  "C5'"  . C   A 1 23 ? -13.089 4.949   4.366   1.00 0.00 ? 23   C   A "C5'"  1 
ATOM   714 C  "C4'"  . C   A 1 23 ? -12.312 5.854   3.414   1.00 0.00 ? 23   C   A "C4'"  1 
ATOM   715 O  "O4'"  . C   A 1 23 ? -10.910 5.718   3.659   1.00 0.00 ? 23   C   A "O4'"  1 
ATOM   716 C  "C3'"  . C   A 1 23 ? -12.442 5.507   1.945   1.00 0.00 ? 23   C   A "C3'"  1 
ATOM   717 O  "O3'"  . C   A 1 23 ? -13.583 6.206   1.441   1.00 0.00 ? 23   C   A "O3'"  1 
ATOM   718 C  "C2'"  . C   A 1 23 ? -11.206 6.161   1.346   1.00 0.00 ? 23   C   A "C2'"  1 
ATOM   719 O  "O2'"  . C   A 1 23 ? -11.427 7.560   1.147   1.00 0.00 ? 23   C   A "O2'"  1 
ATOM   720 C  "C1'"  . C   A 1 23 ? -10.167 5.932   2.444   1.00 0.00 ? 23   C   A "C1'"  1 
ATOM   721 N  N1     . C   A 1 23 ? -9.326  4.743   2.178   1.00 0.00 ? 23   C   A N1     1 
ATOM   722 C  C2     . C   A 1 23 ? -8.261  4.891   1.300   1.00 0.00 ? 23   C   A C2     1 
ATOM   723 O  O2     . C   A 1 23 ? -8.042  5.979   0.771   1.00 0.00 ? 23   C   A O2     1 
ATOM   724 N  N3     . C   A 1 23 ? -7.474  3.812   1.038   1.00 0.00 ? 23   C   A N3     1 
ATOM   725 C  C4     . C   A 1 23 ? -7.722  2.629   1.614   1.00 0.00 ? 23   C   A C4     1 
ATOM   726 N  N4     . C   A 1 23 ? -6.915  1.610   1.317   1.00 0.00 ? 23   C   A N4     1 
ATOM   727 C  C5     . C   A 1 23 ? -8.818  2.468   2.519   1.00 0.00 ? 23   C   A C5     1 
ATOM   728 C  C6     . C   A 1 23 ? -9.590  3.542   2.771   1.00 0.00 ? 23   C   A C6     1 
ATOM   729 H  "H5'"  . C   A 1 23 ? -13.160 5.435   5.339   1.00 0.00 ? 23   C   A "H5'"  1 
ATOM   730 H  "H5''" . C   A 1 23 ? -14.094 4.799   3.970   1.00 0.00 ? 23   C   A "H5''" 1 
ATOM   731 H  "H4'"  . C   A 1 23 ? -12.604 6.889   3.589   1.00 0.00 ? 23   C   A "H4'"  1 
ATOM   732 H  "H3'"  . C   A 1 23 ? -12.501 4.435   1.755   1.00 0.00 ? 23   C   A "H3'"  1 
ATOM   733 H  "H2'"  . C   A 1 23 ? -10.909 5.673   0.422   1.00 0.00 ? 23   C   A "H2'"  1 
ATOM   734 H  "HO2'" . C   A 1 23 ? -11.584 7.949   2.010   1.00 0.00 ? 23   C   A "HO2'" 1 
ATOM   735 H  "H1'"  . C   A 1 23 ? -9.531  6.809   2.560   1.00 0.00 ? 23   C   A "H1'"  1 
ATOM   736 H  H41    . C   A 1 23 ? -6.154  1.742   0.665   1.00 0.00 ? 23   C   A H41    1 
ATOM   737 H  H42    . C   A 1 23 ? -7.065  0.706   1.743   1.00 0.00 ? 23   C   A H42    1 
ATOM   738 H  H5     . C   A 1 23 ? -9.030  1.509   2.995   1.00 0.00 ? 23   C   A H5     1 
ATOM   739 H  H6     . C   A 1 23 ? -10.436 3.451   3.451   1.00 0.00 ? 23   C   A H6     1 
ATOM   740 P  P      . U   A 1 24 ? -14.710 5.428   0.594   1.00 0.00 ? 24   U   A P      1 
ATOM   741 O  OP1    . U   A 1 24 ? -15.990 6.155   0.746   1.00 0.00 ? 24   U   A OP1    1 
ATOM   742 O  OP2    . U   A 1 24 ? -14.634 3.989   0.935   1.00 0.00 ? 24   U   A OP2    1 
ATOM   743 O  "O5'"  . U   A 1 24 ? -14.201 5.614   -0.921  1.00 0.00 ? 24   U   A "O5'"  1 
ATOM   744 C  "C5'"  . U   A 1 24 ? -14.202 6.907   -1.530  1.00 0.00 ? 24   U   A "C5'"  1 
ATOM   745 C  "C4'"  . U   A 1 24 ? -13.108 7.034   -2.586  1.00 0.00 ? 24   U   A "C4'"  1 
ATOM   746 O  "O4'"  . U   A 1 24 ? -11.902 6.442   -2.097  1.00 0.00 ? 24   U   A "O4'"  1 
ATOM   747 C  "C3'"  . U   A 1 24 ? -13.375 6.285   -3.876  1.00 0.00 ? 24   U   A "C3'"  1 
ATOM   748 O  "O3'"  . U   A 1 24 ? -14.066 7.175   -4.755  1.00 0.00 ? 24   U   A "O3'"  1 
ATOM   749 C  "C2'"  . U   A 1 24 ? -11.981 6.088   -4.443  1.00 0.00 ? 24   U   A "C2'"  1 
ATOM   750 O  "O2'"  . U   A 1 24 ? -11.542 7.267   -5.123  1.00 0.00 ? 24   U   A "O2'"  1 
ATOM   751 C  "C1'"  . U   A 1 24 ? -11.150 5.857   -3.179  1.00 0.00 ? 24   U   A "C1'"  1 
ATOM   752 N  N1     . U   A 1 24 ? -10.942 4.419   -2.908  1.00 0.00 ? 24   U   A N1     1 
ATOM   753 C  C2     . U   A 1 24 ? -10.186 3.708   -3.823  1.00 0.00 ? 24   U   A C2     1 
ATOM   754 O  O2     . U   A 1 24 ? -9.688  4.233   -4.816  1.00 0.00 ? 24   U   A O2     1 
ATOM   755 N  N3     . U   A 1 24 ? -10.018 2.364   -3.556  1.00 0.00 ? 24   U   A N3     1 
ATOM   756 C  C4     . U   A 1 24 ? -10.530 1.679   -2.470  1.00 0.00 ? 24   U   A C4     1 
ATOM   757 O  O4     . U   A 1 24 ? -10.310 0.477   -2.342  1.00 0.00 ? 24   U   A O4     1 
ATOM   758 C  C5     . U   A 1 24 ? -11.307 2.489   -1.560  1.00 0.00 ? 24   U   A C5     1 
ATOM   759 C  C6     . U   A 1 24 ? -11.485 3.811   -1.804  1.00 0.00 ? 24   U   A C6     1 
ATOM   760 H  "H5'"  . U   A 1 24 ? -14.042 7.663   -0.761  1.00 0.00 ? 24   U   A "H5'"  1 
ATOM   761 H  "H5''" . U   A 1 24 ? -15.170 7.078   -2.000  1.00 0.00 ? 24   U   A "H5''" 1 
ATOM   762 H  "H4'"  . U   A 1 24 ? -12.930 8.091   -2.786  1.00 0.00 ? 24   U   A "H4'"  1 
ATOM   763 H  "H3'"  . U   A 1 24 ? -13.920 5.352   -3.731  1.00 0.00 ? 24   U   A "H3'"  1 
ATOM   764 H  "H2'"  . U   A 1 24 ? -11.943 5.219   -5.097  1.00 0.00 ? 24   U   A "H2'"  1 
ATOM   765 H  "HO2'" . U   A 1 24 ? -10.600 7.355   -4.966  1.00 0.00 ? 24   U   A "HO2'" 1 
ATOM   766 H  "H1'"  . U   A 1 24 ? -10.183 6.352   -3.256  1.00 0.00 ? 24   U   A "H1'"  1 
ATOM   767 H  H3     . U   A 1 24 ? -9.481  1.828   -4.224  1.00 0.00 ? 24   U   A H3     1 
ATOM   768 H  H5     . U   A 1 24 ? -11.751 2.036   -0.673  1.00 0.00 ? 24   U   A H5     1 
ATOM   769 H  H6     . U   A 1 24 ? -12.076 4.405   -1.107  1.00 0.00 ? 24   U   A H6     1 
ATOM   770 P  P      . U   A 1 25 ? -14.989 6.594   -5.939  1.00 0.00 ? 25   U   A P      1 
ATOM   771 O  OP1    . U   A 1 25 ? -15.834 7.696   -6.452  1.00 0.00 ? 25   U   A OP1    1 
ATOM   772 O  OP2    . U   A 1 25 ? -15.618 5.342   -5.464  1.00 0.00 ? 25   U   A OP2    1 
ATOM   773 O  "O5'"  . U   A 1 25 ? -13.910 6.217   -7.074  1.00 0.00 ? 25   U   A "O5'"  1 
ATOM   774 C  "C5'"  . U   A 1 25 ? -13.454 7.210   -7.997  1.00 0.00 ? 25   U   A "C5'"  1 
ATOM   775 C  "C4'"  . U   A 1 25 ? -12.461 6.635   -9.002  1.00 0.00 ? 25   U   A "C4'"  1 
ATOM   776 O  "O4'"  . U   A 1 25 ? -11.472 5.862   -8.312  1.00 0.00 ? 25   U   A "O4'"  1 
ATOM   777 C  "C3'"  . U   A 1 25 ? -13.047 5.653   -9.997  1.00 0.00 ? 25   U   A "C3'"  1 
ATOM   778 O  "O3'"  . U   A 1 25 ? -13.494 6.403   -11.130 1.00 0.00 ? 25   U   A "O3'"  1 
ATOM   779 C  "C2'"  . U   A 1 25 ? -11.826 4.863   -10.432 1.00 0.00 ? 25   U   A "C2'"  1 
ATOM   780 O  "O2'"  . U   A 1 25 ? -11.062 5.603   -11.388 1.00 0.00 ? 25   U   A "O2'"  1 
ATOM   781 C  "C1'"  . U   A 1 25 ? -11.060 4.737   -9.114  1.00 0.00 ? 25   U   A "C1'"  1 
ATOM   782 N  N1     . U   A 1 25 ? -11.396 3.488   -8.396  1.00 0.00 ? 25   U   A N1     1 
ATOM   783 C  C2     . U   A 1 25 ? -10.760 2.325   -8.799  1.00 0.00 ? 25   U   A C2     1 
ATOM   784 O  O2     . U   A 1 25 ? -9.935  2.307   -9.710  1.00 0.00 ? 25   U   A O2     1 
ATOM   785 N  N3     . U   A 1 25 ? -11.107 1.177   -8.115  1.00 0.00 ? 25   U   A N3     1 
ATOM   786 C  C4     . U   A 1 25 ? -12.016 1.090   -7.077  1.00 0.00 ? 25   U   A C4     1 
ATOM   787 O  O4     . U   A 1 25 ? -12.238 0.005   -6.543  1.00 0.00 ? 25   U   A O4     1 
ATOM   788 C  C5     . U   A 1 25 ? -12.637 2.344   -6.713  1.00 0.00 ? 25   U   A C5     1 
ATOM   789 C  C6     . U   A 1 25 ? -12.311 3.482   -7.375  1.00 0.00 ? 25   U   A C6     1 
ATOM   790 H  "H5'"  . U   A 1 25 ? -12.973 8.015   -7.442  1.00 0.00 ? 25   U   A "H5'"  1 
ATOM   791 H  "H5''" . U   A 1 25 ? -14.311 7.613   -8.536  1.00 0.00 ? 25   U   A "H5''" 1 
ATOM   792 H  "H4'"  . U   A 1 25 ? -11.969 7.458   -9.520  1.00 0.00 ? 25   U   A "H4'"  1 
ATOM   793 H  "H3'"  . U   A 1 25 ? -13.839 5.033   -9.580  1.00 0.00 ? 25   U   A "H3'"  1 
ATOM   794 H  "H2'"  . U   A 1 25 ? -12.106 3.884   -10.819 1.00 0.00 ? 25   U   A "H2'"  1 
ATOM   795 H  "HO2'" . U   A 1 25 ? -11.326 6.522   -11.315 1.00 0.00 ? 25   U   A "HO2'" 1 
ATOM   796 H  "H1'"  . U   A 1 25 ? -9.983  4.788   -9.279  1.00 0.00 ? 25   U   A "H1'"  1 
ATOM   797 H  H3     . U   A 1 25 ? -10.667 0.317   -8.409  1.00 0.00 ? 25   U   A H3     1 
ATOM   798 H  H5     . U   A 1 25 ? -13.366 2.375   -5.904  1.00 0.00 ? 25   U   A H5     1 
ATOM   799 H  H6     . U   A 1 25 ? -12.797 4.415   -7.096  1.00 0.00 ? 25   U   A H6     1 
ATOM   800 P  P      . C   A 1 26 ? -14.570 5.771   -12.149 1.00 0.00 ? 26   C   A P      1 
ATOM   801 O  OP1    . C   A 1 26 ? -14.767 6.726   -13.263 1.00 0.00 ? 26   C   A OP1    1 
ATOM   802 O  OP2    . C   A 1 26 ? -15.733 5.302   -11.364 1.00 0.00 ? 26   C   A OP2    1 
ATOM   803 O  "O5'"  . C   A 1 26 ? -13.795 4.481   -12.721 1.00 0.00 ? 26   C   A "O5'"  1 
ATOM   804 C  "C5'"  . C   A 1 26 ? -12.666 4.640   -13.582 1.00 0.00 ? 26   C   A "C5'"  1 
ATOM   805 C  "C4'"  . C   A 1 26 ? -12.083 3.295   -14.006 1.00 0.00 ? 26   C   A "C4'"  1 
ATOM   806 O  "O4'"  . C   A 1 26 ? -11.526 2.636   -12.869 1.00 0.00 ? 26   C   A "O4'"  1 
ATOM   807 C  "C3'"  . C   A 1 26 ? -13.090 2.299   -14.541 1.00 0.00 ? 26   C   A "C3'"  1 
ATOM   808 O  "O3'"  . C   A 1 26 ? -13.165 2.499   -15.957 1.00 0.00 ? 26   C   A "O3'"  1 
ATOM   809 C  "C2'"  . C   A 1 26 ? -12.403 0.957   -14.312 1.00 0.00 ? 26   C   A "C2'"  1 
ATOM   810 O  "O2'"  . C   A 1 26 ? -11.534 0.647   -15.406 1.00 0.00 ? 26   C   A "O2'"  1 
ATOM   811 C  "C1'"  . C   A 1 26 ? -11.591 1.209   -13.036 1.00 0.00 ? 26   C   A "C1'"  1 
ATOM   812 N  N1     . C   A 1 26 ? -12.226 0.614   -11.832 1.00 0.00 ? 26   C   A N1     1 
ATOM   813 C  C2     . C   A 1 26 ? -11.761 -0.621  -11.390 1.00 0.00 ? 26   C   A C2     1 
ATOM   814 O  O2     . C   A 1 26 ? -10.858 -1.191  -11.996 1.00 0.00 ? 26   C   A O2     1 
ATOM   815 N  N3     . C   A 1 26 ? -12.325 -1.176  -10.283 1.00 0.00 ? 26   C   A N3     1 
ATOM   816 C  C4     . C   A 1 26 ? -13.312 -0.548  -9.630  1.00 0.00 ? 26   C   A C4     1 
ATOM   817 N  N4     . C   A 1 26 ? -13.819 -1.142  -8.548  1.00 0.00 ? 26   C   A N4     1 
ATOM   818 C  C5     . C   A 1 26 ? -13.797 0.721   -10.076 1.00 0.00 ? 26   C   A C5     1 
ATOM   819 C  C6     . C   A 1 26 ? -13.231 1.263   -11.174 1.00 0.00 ? 26   C   A C6     1 
ATOM   820 H  "H5'"  . C   A 1 26 ? -11.898 5.211   -13.059 1.00 0.00 ? 26   C   A "H5'"  1 
ATOM   821 H  "H5''" . C   A 1 26 ? -12.973 5.189   -14.471 1.00 0.00 ? 26   C   A "H5''" 1 
ATOM   822 H  "H4'"  . C   A 1 26 ? -11.292 3.469   -14.736 1.00 0.00 ? 26   C   A "H4'"  1 
ATOM   823 H  "H3'"  . C   A 1 26 ? -14.068 2.371   -14.068 1.00 0.00 ? 26   C   A "H3'"  1 
ATOM   824 H  "H2'"  . C   A 1 26 ? -13.138 0.167   -14.158 1.00 0.00 ? 26   C   A "H2'"  1 
ATOM   825 H  "HO2'" . C   A 1 26 ? -10.638 0.844   -15.123 1.00 0.00 ? 26   C   A "HO2'" 1 
ATOM   826 H  "H1'"  . C   A 1 26 ? -10.575 0.824   -13.148 1.00 0.00 ? 26   C   A "H1'"  1 
ATOM   827 H  H41    . C   A 1 26 ? -13.411 -2.001  -8.205  1.00 0.00 ? 26   C   A H41    1 
ATOM   828 H  H42    . C   A 1 26 ? -14.610 -0.733  -8.071  1.00 0.00 ? 26   C   A H42    1 
ATOM   829 H  H5     . C   A 1 26 ? -14.601 1.240   -9.555  1.00 0.00 ? 26   C   A H5     1 
ATOM   830 H  H6     . C   A 1 26 ? -13.585 2.227   -11.540 1.00 0.00 ? 26   C   A H6     1 
ATOM   831 P  P      . C   A 1 27 ? -14.447 1.993   -16.789 1.00 0.00 ? 27   C   A P      1 
ATOM   832 O  OP1    . C   A 1 27 ? -14.202 2.255   -18.225 1.00 0.00 ? 27   C   A OP1    1 
ATOM   833 O  OP2    . C   A 1 27 ? -15.663 2.528   -16.139 1.00 0.00 ? 27   C   A OP2    1 
ATOM   834 O  "O5'"  . C   A 1 27 ? -14.407 0.401   -16.555 1.00 0.00 ? 27   C   A "O5'"  1 
ATOM   835 C  "C5'"  . C   A 1 27 ? -15.592 -0.386  -16.689 1.00 0.00 ? 27   C   A "C5'"  1 
ATOM   836 C  "C4'"  . C   A 1 27 ? -15.285 -1.876  -16.597 1.00 0.00 ? 27   C   A "C4'"  1 
ATOM   837 O  "O4'"  . C   A 1 27 ? -14.524 -2.124  -15.411 1.00 0.00 ? 27   C   A "O4'"  1 
ATOM   838 C  "C3'"  . C   A 1 27 ? -16.507 -2.773  -16.462 1.00 0.00 ? 27   C   A "C3'"  1 
ATOM   839 O  "O3'"  . C   A 1 27 ? -17.019 -3.126  -17.750 1.00 0.00 ? 27   C   A "O3'"  1 
ATOM   840 C  "C2'"  . C   A 1 27 ? -15.918 -3.994  -15.769 1.00 0.00 ? 27   C   A "C2'"  1 
ATOM   841 O  "O2'"  . C   A 1 27 ? -15.246 -4.830  -16.716 1.00 0.00 ? 27   C   A "O2'"  1 
ATOM   842 C  "C1'"  . C   A 1 27 ? -14.914 -3.365  -14.804 1.00 0.00 ? 27   C   A "C1'"  1 
ATOM   843 N  N1     . C   A 1 27 ? -15.501 -3.089  -13.472 1.00 0.00 ? 27   C   A N1     1 
ATOM   844 C  C2     . C   A 1 27 ? -15.943 -4.176  -12.730 1.00 0.00 ? 27   C   A C2     1 
ATOM   845 O  O2     . C   A 1 27 ? -15.848 -5.314  -13.184 1.00 0.00 ? 27   C   A O2     1 
ATOM   846 N  N3     . C   A 1 27 ? -16.481 -3.953  -11.498 1.00 0.00 ? 27   C   A N3     1 
ATOM   847 C  C4     . C   A 1 27 ? -16.580 -2.707  -11.011 1.00 0.00 ? 27   C   A C4     1 
ATOM   848 N  N4     . C   A 1 27 ? -17.114 -2.553  -9.801  1.00 0.00 ? 27   C   A N4     1 
ATOM   849 C  C5     . C   A 1 27 ? -16.126 -1.583  -11.770 1.00 0.00 ? 27   C   A C5     1 
ATOM   850 C  C6     . C   A 1 27 ? -15.596 -1.816  -12.986 1.00 0.00 ? 27   C   A C6     1 
ATOM   851 H  "H5'"  . C   A 1 27 ? -16.052 -0.176  -17.656 1.00 0.00 ? 27   C   A "H5'"  1 
ATOM   852 H  "H5''" . C   A 1 27 ? -16.291 -0.116  -15.895 1.00 0.00 ? 27   C   A "H5''" 1 
ATOM   853 H  "H4'"  . C   A 1 27 ? -14.692 -2.168  -17.464 1.00 0.00 ? 27   C   A "H4'"  1 
ATOM   854 H  "H3'"  . C   A 1 27 ? -17.273 -2.302  -15.845 1.00 0.00 ? 27   C   A "H3'"  1 
ATOM   855 H  "HO3'" . C   A 1 27 ? -17.078 -2.318  -18.265 1.00 0.00 ? 27   C   A "HO3'" 1 
ATOM   856 H  "H2'"  . C   A 1 27 ? -16.688 -4.547  -15.232 1.00 0.00 ? 27   C   A "H2'"  1 
ATOM   857 H  "HO2'" . C   A 1 27 ? -15.307 -5.732  -16.395 1.00 0.00 ? 27   C   A "HO2'" 1 
ATOM   858 H  "H1'"  . C   A 1 27 ? -14.037 -4.000  -14.687 1.00 0.00 ? 27   C   A "H1'"  1 
ATOM   859 H  H41    . C   A 1 27 ? -17.414 -3.360  -9.274  1.00 0.00 ? 27   C   A H41    1 
ATOM   860 H  H42    . C   A 1 27 ? -17.218 -1.628  -9.409  1.00 0.00 ? 27   C   A H42    1 
ATOM   861 H  H5     . C   A 1 27 ? -16.203 -0.566  -11.384 1.00 0.00 ? 27   C   A H5     1 
ATOM   862 H  H6     . C   A 1 27 ? -15.237 -0.981  -13.587 1.00 0.00 ? 27   C   A H6     1 
HETATM 863 CO CO     . NCO B 2 .  ? -3.007  -1.496  1.012   1.00 0.00 ? 1028 NCO A CO     1 
HETATM 864 N  N1     . NCO B 2 .  ? -2.962  0.497   0.960   1.00 0.00 ? 1028 NCO A N1     1 
HETATM 865 N  N2     . NCO B 2 .  ? -3.053  -3.490  1.063   1.00 0.00 ? 1028 NCO A N2     1 
HETATM 866 N  N3     . NCO B 2 .  ? -4.551  -1.498  -0.250  1.00 0.00 ? 1028 NCO A N3     1 
HETATM 867 N  N4     . NCO B 2 .  ? -1.464  -1.494  2.274   1.00 0.00 ? 1028 NCO A N4     1 
HETATM 868 N  N5     . NCO B 2 .  ? -1.749  -1.570  -0.534  1.00 0.00 ? 1028 NCO A N5     1 
HETATM 869 N  N6     . NCO B 2 .  ? -4.266  -1.423  2.557   1.00 0.00 ? 1028 NCO A N6     1 
HETATM 870 H  HN11   . NCO B 2 .  ? -2.358  0.871   1.677   1.00 0.00 ? 1028 NCO A HN11   1 
HETATM 871 H  HN12   . NCO B 2 .  ? -2.623  0.838   0.073   1.00 0.00 ? 1028 NCO A HN12   1 
HETATM 872 H  HN21   . NCO B 2 .  ? -3.658  -3.864  0.346   1.00 0.00 ? 1028 NCO A HN21   1 
HETATM 873 H  HN22   . NCO B 2 .  ? -2.135  -3.885  0.918   1.00 0.00 ? 1028 NCO A HN22   1 
HETATM 874 H  HN31   . NCO B 2 .  ? -5.009  -0.600  -0.279  1.00 0.00 ? 1028 NCO A HN31   1 
HETATM 875 H  HN32   . NCO B 2 .  ? -4.258  -1.716  -1.193  1.00 0.00 ? 1028 NCO A HN32   1 
HETATM 876 H  HN41   . NCO B 2 .  ? -0.770  -0.811  2.010   1.00 0.00 ? 1028 NCO A HN41   1 
HETATM 877 H  HN42   . NCO B 2 .  ? -1.757  -1.277  3.216   1.00 0.00 ? 1028 NCO A HN42   1 
HETATM 878 H  HN51   . NCO B 2 .  ? -2.048  -0.964  -1.284  1.00 0.00 ? 1028 NCO A HN51   1 
HETATM 879 H  HN52   . NCO B 2 .  ? -0.819  -1.284  -0.269  1.00 0.00 ? 1028 NCO A HN52   1 
HETATM 880 H  HN53   . NCO B 2 .  ? -1.682  -2.504  -0.911  1.00 0.00 ? 1028 NCO A HN53   1 
HETATM 881 H  HN61   . NCO B 2 .  ? -5.197  -1.709  2.292   1.00 0.00 ? 1028 NCO A HN61   1 
HETATM 882 H  HN62   . NCO B 2 .  ? -3.967  -2.028  3.308   1.00 0.00 ? 1028 NCO A HN62   1 
HETATM 883 H  HN63   . NCO B 2 .  ? -4.333  -0.489  2.935   1.00 0.00 ? 1028 NCO A HN63   1 
# 
